data_8D30
#
_entry.id   8D30
#
_cell.length_a   67.074
_cell.length_b   134.062
_cell.length_c   144.270
_cell.angle_alpha   90.000
_cell.angle_beta   90.000
_cell.angle_gamma   90.000
#
_symmetry.space_group_name_H-M   'P 21 21 21'
#
loop_
_entity.id
_entity.type
_entity.pdbx_description
1 polymer "Coatomer subunit beta'"
2 non-polymer 1,2-ETHANEDIOL
3 water water
#
_entity_poly.entity_id   1
_entity_poly.type   'polypeptide(L)'
_entity_poly.pdbx_seq_one_letter_code
;MHHHHHHSSGRENLYFQGMPLRLDIKRKLTARSDRVKSVDLHPTEPWMLASLYNGSVCVWNHETQTLVKTFEVCDLPVRA
AKFVARKNWVVTGADDMQIRVFNYNTLERVHMFEAHSDYIRCIAVHPTQPFILTSSDDMLIKLWDWDKKWSCSQVFEGHT
HYVMQIVINPKDNNQFASASLDRTIKVWQLGSSSPNFTLEGHEKGVNCIDYYSGGDKPYLISGADDRLVKIWDYQNKTCV
QTLEGHAQNVSCASFHPELPIIITGSEDGTVRIWHSSTYRLESTLNYGMERVWCVASLRGSNNVALGYDEGSIIVKLGRE
EPAMSMDANGKIIWAKHSEVQQANLKAMGDAEIKDGERLPLAVKDMGSCEIYPQTIQHNPNGRFVVVCGDGEYIIYTAMA
LRNKSFGSAQEFAWAHDSSEYAIRESNSIVKIFKNFKEKKSFKPDFGAESIYGGFLLGVRSVNGLAFYDWDNTELIRRIE
IQPKHIFWSDSGELVCIATEESFFILKYLSEKVLAAQETHEGVTEDGIEDAFEVLGEIQEIVKTGLWVGDCFIYTSSVNR
LNYYVGGEIVTIAHLDRTMYLLGYIPKDNRLYLGDKELNIISYSLLVSVLEYQTA
;
_entity_poly.pdbx_strand_id   A,B
#
# COMPACT_ATOMS: atom_id res chain seq x y z
N PRO A 20 -0.10 18.45 -4.13
CA PRO A 20 0.38 17.36 -3.28
C PRO A 20 1.72 16.82 -3.78
N LEU A 21 2.85 17.28 -3.19
CA LEU A 21 4.20 16.87 -3.60
C LEU A 21 4.53 15.42 -3.29
N ARG A 22 4.17 14.95 -2.07
CA ARG A 22 4.41 13.60 -1.54
C ARG A 22 5.87 13.18 -1.64
N LEU A 23 6.75 13.90 -0.93
CA LEU A 23 8.18 13.60 -0.94
C LEU A 23 8.51 12.37 -0.15
N ASP A 24 9.44 11.58 -0.66
CA ASP A 24 9.94 10.39 0.00
C ASP A 24 11.40 10.73 0.34
N ILE A 25 11.70 10.88 1.63
CA ILE A 25 13.03 11.25 2.08
C ILE A 25 13.77 10.02 2.58
N LYS A 26 14.92 9.71 1.96
CA LYS A 26 15.77 8.60 2.39
C LYS A 26 17.19 9.06 2.73
N ARG A 27 17.81 8.42 3.73
CA ARG A 27 19.18 8.73 4.14
C ARG A 27 20.17 8.15 3.13
N LYS A 28 21.17 8.93 2.77
CA LYS A 28 22.20 8.55 1.81
C LYS A 28 23.57 8.45 2.50
N LEU A 29 23.83 9.25 3.54
CA LEU A 29 25.08 9.30 4.30
C LEU A 29 24.80 9.86 5.68
N THR A 30 25.39 9.24 6.69
CA THR A 30 25.34 9.65 8.09
C THR A 30 26.80 9.68 8.51
N ALA A 31 27.34 10.87 8.73
CA ALA A 31 28.73 11.05 9.14
C ALA A 31 28.80 11.70 10.54
N ARG A 32 28.79 10.88 11.61
CA ARG A 32 28.93 11.33 13.00
C ARG A 32 30.30 12.02 13.13
N SER A 33 30.35 13.14 13.88
CA SER A 33 31.56 13.95 14.10
C SER A 33 31.23 15.04 15.12
N ASP A 34 32.14 16.00 15.29
CA ASP A 34 31.95 17.19 16.13
C ASP A 34 31.04 18.15 15.33
N ARG A 35 30.53 19.20 16.01
CA ARG A 35 29.67 20.23 15.48
C ARG A 35 30.01 20.64 14.06
N VAL A 36 29.03 20.43 13.14
CA VAL A 36 29.19 20.83 11.76
C VAL A 36 28.59 22.25 11.63
N LYS A 37 29.39 23.20 11.09
CA LYS A 37 29.01 24.61 10.96
C LYS A 37 28.56 25.00 9.59
N SER A 38 29.16 24.34 8.55
CA SER A 38 28.80 24.53 7.17
C SER A 38 28.94 23.20 6.39
N VAL A 39 28.20 23.08 5.29
CA VAL A 39 28.21 21.92 4.39
C VAL A 39 28.16 22.48 2.98
N ASP A 40 28.68 21.76 2.00
CA ASP A 40 28.66 22.15 0.59
C ASP A 40 28.69 20.89 -0.25
N LEU A 41 28.04 20.92 -1.40
CA LEU A 41 28.00 19.79 -2.32
C LEU A 41 28.77 20.15 -3.61
N HIS A 42 29.62 19.21 -4.11
CA HIS A 42 30.40 19.41 -5.33
C HIS A 42 29.50 19.24 -6.58
N PRO A 43 29.62 20.16 -7.59
CA PRO A 43 28.75 20.05 -8.79
C PRO A 43 28.98 18.86 -9.71
N THR A 44 30.22 18.34 -9.79
CA THR A 44 30.51 17.23 -10.72
C THR A 44 31.02 15.94 -10.05
N GLU A 45 31.64 16.03 -8.87
CA GLU A 45 32.10 14.84 -8.17
C GLU A 45 31.05 14.54 -7.13
N PRO A 46 30.82 13.25 -6.74
CA PRO A 46 29.82 12.97 -5.68
C PRO A 46 30.40 13.29 -4.28
N TRP A 47 30.73 14.57 -4.04
CA TRP A 47 31.35 15.01 -2.80
C TRP A 47 30.49 15.97 -1.96
N MET A 48 30.59 15.79 -0.65
CA MET A 48 30.06 16.64 0.40
C MET A 48 31.22 17.13 1.30
N LEU A 49 31.37 18.45 1.37
CA LEU A 49 32.32 19.14 2.23
C LEU A 49 31.55 19.46 3.53
N ALA A 50 32.24 19.43 4.66
CA ALA A 50 31.72 19.81 5.97
C ALA A 50 32.84 20.57 6.73
N SER A 51 32.53 21.72 7.33
CA SER A 51 33.53 22.42 8.13
C SER A 51 33.18 22.24 9.60
N LEU A 52 34.18 21.96 10.43
CA LEU A 52 33.89 21.60 11.80
C LEU A 52 34.37 22.60 12.84
N TYR A 53 33.72 22.56 14.00
CA TYR A 53 34.01 23.42 15.12
C TYR A 53 35.46 23.19 15.64
N ASN A 54 36.05 22.01 15.35
CA ASN A 54 37.40 21.64 15.77
C ASN A 54 38.50 22.09 14.77
N GLY A 55 38.16 22.96 13.83
CA GLY A 55 39.11 23.51 12.86
C GLY A 55 39.46 22.66 11.66
N SER A 56 38.74 21.56 11.46
CA SER A 56 38.99 20.70 10.32
C SER A 56 37.86 20.81 9.29
N VAL A 57 38.17 20.52 8.01
CA VAL A 57 37.25 20.51 6.88
C VAL A 57 37.43 19.15 6.22
N CYS A 58 36.34 18.36 6.18
CA CYS A 58 36.27 16.99 5.65
C CYS A 58 35.52 16.93 4.32
N VAL A 59 35.96 16.01 3.43
CA VAL A 59 35.31 15.75 2.17
C VAL A 59 34.92 14.28 2.14
N TRP A 60 33.62 14.01 1.97
N TRP A 60 33.62 14.01 1.96
CA TRP A 60 33.02 12.70 1.92
CA TRP A 60 33.05 12.68 1.88
C TRP A 60 32.43 12.40 0.52
C TRP A 60 32.48 12.41 0.48
N ASN A 61 32.59 11.15 0.05
CA ASN A 61 32.02 10.68 -1.21
C ASN A 61 30.66 10.12 -0.74
N HIS A 62 29.56 10.74 -1.15
CA HIS A 62 28.24 10.32 -0.67
C HIS A 62 27.68 9.05 -1.35
N GLU A 63 28.44 8.43 -2.27
CA GLU A 63 28.04 7.17 -2.92
C GLU A 63 28.74 6.04 -2.20
N THR A 64 30.08 6.10 -2.18
CA THR A 64 30.88 5.07 -1.52
C THR A 64 30.79 5.17 -0.01
N GLN A 65 30.47 6.39 0.54
CA GLN A 65 30.32 6.75 1.97
C GLN A 65 31.70 6.88 2.67
N THR A 66 32.74 7.05 1.85
CA THR A 66 34.14 7.16 2.23
C THR A 66 34.56 8.63 2.50
N LEU A 67 35.34 8.85 3.58
CA LEU A 67 35.97 10.11 3.91
C LEU A 67 37.16 10.15 2.96
N VAL A 68 37.11 10.99 1.90
CA VAL A 68 38.16 11.02 0.86
C VAL A 68 39.24 12.09 1.09
N LYS A 69 38.94 13.18 1.81
CA LYS A 69 39.90 14.25 2.09
C LYS A 69 39.66 14.85 3.46
N THR A 70 40.74 15.30 4.11
CA THR A 70 40.73 16.05 5.36
C THR A 70 41.73 17.18 5.20
N PHE A 71 41.32 18.38 5.54
CA PHE A 71 42.20 19.51 5.57
C PHE A 71 42.26 19.97 7.01
N GLU A 72 43.44 20.20 7.48
CA GLU A 72 43.63 20.75 8.81
C GLU A 72 43.79 22.25 8.59
N VAL A 73 42.72 23.01 8.87
CA VAL A 73 42.70 24.44 8.60
C VAL A 73 43.40 25.21 9.73
N CYS A 74 42.88 25.08 10.97
CA CYS A 74 43.45 25.72 12.16
C CYS A 74 42.92 24.99 13.40
N ASP A 75 43.04 25.60 14.58
CA ASP A 75 42.62 25.02 15.84
C ASP A 75 41.28 25.58 16.28
N LEU A 76 40.85 26.65 15.64
CA LEU A 76 39.61 27.30 15.98
C LEU A 76 38.44 26.90 15.05
N PRO A 77 37.17 27.16 15.41
CA PRO A 77 36.09 26.78 14.48
C PRO A 77 36.21 27.37 13.08
N VAL A 78 35.78 26.61 12.09
CA VAL A 78 35.76 26.97 10.67
C VAL A 78 34.26 27.04 10.34
N ARG A 79 33.71 28.25 10.39
CA ARG A 79 32.27 28.43 10.16
C ARG A 79 31.90 28.46 8.69
N ALA A 80 32.91 28.59 7.80
CA ALA A 80 32.63 28.70 6.38
C ALA A 80 33.61 27.95 5.53
N ALA A 81 33.08 27.12 4.62
CA ALA A 81 33.88 26.35 3.68
C ALA A 81 33.09 26.15 2.40
N LYS A 82 33.70 26.48 1.24
CA LYS A 82 33.05 26.34 -0.09
C LYS A 82 33.98 25.73 -1.14
N PHE A 83 33.43 25.01 -2.10
CA PHE A 83 34.16 24.53 -3.25
C PHE A 83 34.15 25.64 -4.30
N VAL A 84 35.28 25.81 -5.02
CA VAL A 84 35.37 26.63 -6.22
C VAL A 84 35.78 25.55 -7.23
N ALA A 85 34.78 24.87 -7.81
CA ALA A 85 34.98 23.74 -8.72
C ALA A 85 35.78 24.07 -9.98
N ARG A 86 35.58 25.27 -10.54
CA ARG A 86 36.30 25.70 -11.74
C ARG A 86 37.78 25.99 -11.45
N LYS A 87 38.17 26.00 -10.16
CA LYS A 87 39.55 26.24 -9.76
C LYS A 87 40.14 25.06 -8.97
N ASN A 88 39.37 23.97 -8.78
CA ASN A 88 39.77 22.77 -8.00
C ASN A 88 40.20 23.14 -6.60
N TRP A 89 39.41 24.05 -5.97
CA TRP A 89 39.66 24.58 -4.64
C TRP A 89 38.57 24.30 -3.62
N VAL A 90 38.97 24.50 -2.36
CA VAL A 90 38.18 24.55 -1.14
C VAL A 90 38.62 25.89 -0.51
N VAL A 91 37.68 26.82 -0.29
CA VAL A 91 37.96 28.12 0.33
C VAL A 91 37.35 28.10 1.74
N THR A 92 38.18 28.38 2.78
CA THR A 92 37.78 28.33 4.19
C THR A 92 37.92 29.69 4.87
N GLY A 93 37.11 29.92 5.88
CA GLY A 93 37.11 31.10 6.73
C GLY A 93 36.94 30.67 8.16
N ALA A 94 37.87 31.06 9.04
CA ALA A 94 37.88 30.61 10.42
C ALA A 94 37.75 31.71 11.44
N ASP A 95 37.59 31.31 12.73
CA ASP A 95 37.43 32.19 13.88
C ASP A 95 38.72 32.99 14.20
N ASP A 96 39.85 32.61 13.57
CA ASP A 96 41.14 33.28 13.71
C ASP A 96 41.30 34.37 12.61
N MET A 97 40.18 34.70 11.92
CA MET A 97 40.00 35.77 10.94
C MET A 97 40.74 35.59 9.60
N GLN A 98 41.27 34.39 9.34
CA GLN A 98 41.96 34.05 8.09
C GLN A 98 41.05 33.28 7.13
N ILE A 99 41.28 33.57 5.82
CA ILE A 99 40.74 32.84 4.68
C ILE A 99 41.93 31.94 4.23
N ARG A 100 41.69 30.65 4.03
CA ARG A 100 42.72 29.70 3.56
C ARG A 100 42.13 28.98 2.35
N VAL A 101 42.91 28.95 1.26
CA VAL A 101 42.52 28.32 0.00
C VAL A 101 43.31 27.03 -0.16
N PHE A 102 42.62 25.92 -0.40
CA PHE A 102 43.27 24.61 -0.58
C PHE A 102 42.96 24.04 -1.94
N ASN A 103 43.97 23.48 -2.60
CA ASN A 103 43.78 22.71 -3.83
C ASN A 103 43.32 21.34 -3.34
N TYR A 104 42.10 20.93 -3.68
CA TYR A 104 41.62 19.63 -3.18
C TYR A 104 42.26 18.41 -3.89
N ASN A 105 43.05 18.62 -4.96
CA ASN A 105 43.71 17.49 -5.61
C ASN A 105 45.01 17.15 -4.90
N THR A 106 45.89 18.14 -4.72
CA THR A 106 47.21 18.02 -4.09
C THR A 106 47.16 18.13 -2.56
N LEU A 107 46.08 18.74 -2.02
CA LEU A 107 45.80 18.99 -0.59
C LEU A 107 46.65 20.13 -0.01
N GLU A 108 47.42 20.80 -0.89
CA GLU A 108 48.27 21.93 -0.54
C GLU A 108 47.44 23.18 -0.28
N ARG A 109 47.92 24.01 0.66
CA ARG A 109 47.30 25.29 0.97
C ARG A 109 47.89 26.28 -0.03
N VAL A 110 47.12 26.62 -1.06
CA VAL A 110 47.45 27.51 -2.18
C VAL A 110 47.67 28.97 -1.71
N HIS A 111 46.80 29.47 -0.82
CA HIS A 111 46.90 30.85 -0.32
C HIS A 111 46.27 31.00 1.06
N MET A 112 46.70 32.05 1.76
CA MET A 112 46.23 32.43 3.09
C MET A 112 46.36 33.94 3.24
N PHE A 113 45.33 34.58 3.84
CA PHE A 113 45.29 36.03 4.08
C PHE A 113 44.33 36.38 5.21
N GLU A 114 44.64 37.45 5.98
CA GLU A 114 43.78 37.92 7.08
C GLU A 114 42.68 38.73 6.45
N ALA A 115 41.43 38.29 6.60
CA ALA A 115 40.30 38.95 5.96
C ALA A 115 39.49 39.91 6.86
N HIS A 116 39.39 39.62 8.16
CA HIS A 116 38.52 40.38 9.04
C HIS A 116 39.12 40.64 10.39
N SER A 117 38.45 41.49 11.18
CA SER A 117 38.92 41.84 12.52
C SER A 117 38.20 41.04 13.63
N ASP A 118 37.18 40.24 13.24
CA ASP A 118 36.46 39.30 14.12
C ASP A 118 36.10 38.03 13.31
N TYR A 119 35.41 37.04 13.94
CA TYR A 119 35.06 35.75 13.34
C TYR A 119 34.47 35.87 11.95
N ILE A 120 34.93 35.02 11.01
CA ILE A 120 34.35 34.94 9.65
C ILE A 120 33.14 34.02 9.80
N ARG A 121 31.97 34.51 9.37
CA ARG A 121 30.73 33.73 9.48
C ARG A 121 30.31 33.01 8.21
N CYS A 122 30.63 33.56 7.03
CA CYS A 122 30.13 33.04 5.76
C CYS A 122 31.04 33.41 4.58
N ILE A 123 31.01 32.58 3.52
CA ILE A 123 31.68 32.75 2.23
C ILE A 123 30.66 32.48 1.11
N ALA A 124 30.61 33.37 0.07
CA ALA A 124 29.81 33.16 -1.14
C ALA A 124 30.74 33.28 -2.34
N VAL A 125 30.76 32.28 -3.21
CA VAL A 125 31.62 32.24 -4.38
C VAL A 125 30.85 32.76 -5.59
N HIS A 126 31.43 33.75 -6.30
CA HIS A 126 30.82 34.29 -7.52
C HIS A 126 30.72 33.18 -8.57
N PRO A 127 29.55 33.01 -9.26
CA PRO A 127 29.46 31.92 -10.24
C PRO A 127 30.14 32.16 -11.58
N THR A 128 30.40 33.42 -11.97
CA THR A 128 31.00 33.73 -13.28
C THR A 128 32.31 34.57 -13.19
N GLN A 129 32.47 35.34 -12.13
CA GLN A 129 33.68 36.16 -12.00
C GLN A 129 34.68 35.65 -10.94
N PRO A 130 35.96 36.07 -11.00
CA PRO A 130 36.95 35.58 -10.01
C PRO A 130 36.84 36.18 -8.60
N PHE A 131 35.63 36.13 -7.99
CA PHE A 131 35.40 36.71 -6.68
C PHE A 131 34.80 35.77 -5.64
N ILE A 132 35.05 36.13 -4.37
CA ILE A 132 34.44 35.54 -3.19
C ILE A 132 33.97 36.73 -2.33
N LEU A 133 32.87 36.55 -1.61
CA LEU A 133 32.38 37.53 -0.66
C LEU A 133 32.54 36.85 0.70
N THR A 134 32.96 37.59 1.73
CA THR A 134 33.10 37.07 3.10
C THR A 134 32.37 38.00 4.05
N SER A 135 31.73 37.45 5.08
CA SER A 135 30.98 38.22 6.07
C SER A 135 31.54 37.88 7.45
N SER A 136 31.36 38.76 8.43
CA SER A 136 32.02 38.61 9.71
C SER A 136 31.31 39.25 10.88
N ASP A 137 31.79 38.88 12.08
CA ASP A 137 31.41 39.44 13.37
C ASP A 137 31.87 40.93 13.48
N ASP A 138 32.85 41.34 12.65
CA ASP A 138 33.34 42.73 12.56
C ASP A 138 32.30 43.67 11.91
N MET A 139 31.14 43.11 11.48
CA MET A 139 29.95 43.78 10.89
C MET A 139 30.15 44.14 9.42
N LEU A 140 31.25 43.66 8.82
CA LEU A 140 31.53 43.94 7.42
C LEU A 140 31.34 42.74 6.46
N ILE A 141 31.12 43.06 5.17
CA ILE A 141 31.10 42.11 4.07
C ILE A 141 32.23 42.61 3.17
N LYS A 142 33.12 41.73 2.75
CA LYS A 142 34.23 42.11 1.87
C LYS A 142 34.23 41.26 0.61
N LEU A 143 34.71 41.86 -0.51
CA LEU A 143 34.83 41.23 -1.82
C LEU A 143 36.31 41.05 -2.12
N TRP A 144 36.70 39.84 -2.59
CA TRP A 144 38.11 39.55 -2.89
C TRP A 144 38.26 39.02 -4.30
N ASP A 145 39.30 39.50 -5.02
CA ASP A 145 39.57 39.08 -6.40
C ASP A 145 40.75 38.13 -6.44
N TRP A 146 40.50 36.85 -6.75
CA TRP A 146 41.56 35.83 -6.79
C TRP A 146 42.49 35.94 -8.04
N ASP A 147 42.07 36.72 -9.08
CA ASP A 147 42.84 37.00 -10.31
C ASP A 147 43.74 38.22 -10.12
N LYS A 148 43.55 38.93 -8.98
CA LYS A 148 44.28 40.12 -8.59
C LYS A 148 44.97 39.91 -7.23
N LYS A 149 45.51 38.68 -7.00
CA LYS A 149 46.23 38.24 -5.79
C LYS A 149 45.40 38.41 -4.49
N TRP A 150 44.10 37.98 -4.52
CA TRP A 150 43.16 38.06 -3.40
C TRP A 150 43.14 39.46 -2.72
N SER A 151 43.25 40.53 -3.52
CA SER A 151 43.18 41.89 -3.02
C SER A 151 41.70 42.20 -2.73
N CYS A 152 41.46 43.14 -1.80
CA CYS A 152 40.13 43.56 -1.45
C CYS A 152 39.58 44.56 -2.47
N SER A 153 38.62 44.12 -3.26
CA SER A 153 38.00 44.93 -4.31
C SER A 153 36.89 45.87 -3.76
N GLN A 154 36.21 45.48 -2.64
CA GLN A 154 35.15 46.31 -2.02
C GLN A 154 34.89 45.88 -0.58
N VAL A 155 34.52 46.86 0.28
CA VAL A 155 34.13 46.67 1.67
C VAL A 155 32.71 47.20 1.77
N PHE A 156 31.75 46.37 2.21
CA PHE A 156 30.34 46.73 2.31
C PHE A 156 29.99 47.06 3.76
N GLU A 157 29.69 48.35 4.02
CA GLU A 157 29.37 48.81 5.36
C GLU A 157 27.91 49.21 5.53
N GLY A 158 27.38 49.02 6.73
CA GLY A 158 26.00 49.38 7.01
C GLY A 158 25.37 48.58 8.14
N HIS A 159 25.78 47.30 8.28
CA HIS A 159 25.25 46.47 9.37
C HIS A 159 25.83 46.96 10.69
N THR A 160 25.07 46.81 11.77
CA THR A 160 25.46 47.27 13.11
C THR A 160 25.62 46.10 14.11
N HIS A 161 25.67 44.88 13.59
CA HIS A 161 25.88 43.64 14.35
C HIS A 161 26.44 42.57 13.42
N TYR A 162 26.74 41.37 13.93
CA TYR A 162 27.39 40.31 13.18
C TYR A 162 26.68 40.03 11.88
N VAL A 163 27.45 39.87 10.77
CA VAL A 163 26.89 39.53 9.47
C VAL A 163 26.97 37.99 9.39
N MET A 164 25.84 37.36 9.64
CA MET A 164 25.69 35.92 9.78
C MET A 164 25.77 35.10 8.51
N GLN A 165 25.24 35.61 7.41
CA GLN A 165 25.17 34.89 6.15
C GLN A 165 25.02 35.87 4.98
N ILE A 166 25.59 35.52 3.81
CA ILE A 166 25.55 36.25 2.53
C ILE A 166 25.22 35.29 1.44
N VAL A 167 24.51 35.77 0.42
CA VAL A 167 24.15 34.96 -0.73
C VAL A 167 24.09 35.87 -1.99
N ILE A 168 24.62 35.39 -3.13
CA ILE A 168 24.62 36.09 -4.42
C ILE A 168 23.31 35.81 -5.15
N ASN A 169 22.72 36.85 -5.78
CA ASN A 169 21.48 36.70 -6.56
C ASN A 169 21.76 35.82 -7.79
N PRO A 170 21.15 34.59 -7.89
CA PRO A 170 21.43 33.72 -9.05
C PRO A 170 20.93 34.25 -10.40
N LYS A 171 20.03 35.25 -10.41
CA LYS A 171 19.45 35.87 -11.60
C LYS A 171 20.16 37.18 -11.99
N ASP A 172 20.92 37.76 -11.06
CA ASP A 172 21.70 39.00 -11.20
C ASP A 172 22.93 38.86 -10.30
N ASN A 173 23.99 38.25 -10.85
CA ASN A 173 25.24 37.99 -10.13
C ASN A 173 25.97 39.24 -9.61
N ASN A 174 25.52 40.46 -9.99
CA ASN A 174 26.10 41.70 -9.48
C ASN A 174 25.46 42.13 -8.14
N GLN A 175 24.38 41.45 -7.76
CA GLN A 175 23.63 41.70 -6.54
C GLN A 175 23.86 40.57 -5.53
N PHE A 176 23.76 40.94 -4.23
CA PHE A 176 23.83 39.99 -3.12
C PHE A 176 23.02 40.46 -1.92
N ALA A 177 22.65 39.51 -1.03
CA ALA A 177 21.91 39.80 0.19
C ALA A 177 22.65 39.31 1.43
N SER A 178 22.50 40.02 2.54
CA SER A 178 23.12 39.67 3.81
C SER A 178 22.11 39.63 4.93
N ALA A 179 22.35 38.77 5.92
CA ALA A 179 21.53 38.62 7.12
C ALA A 179 22.41 39.01 8.33
N SER A 180 21.87 39.86 9.21
CA SER A 180 22.61 40.30 10.38
C SER A 180 21.86 40.16 11.67
N LEU A 181 22.63 40.05 12.78
CA LEU A 181 22.08 39.97 14.12
C LEU A 181 21.50 41.31 14.59
N ASP A 182 21.60 42.36 13.73
CA ASP A 182 21.03 43.70 13.92
C ASP A 182 19.54 43.72 13.54
N ARG A 183 18.98 42.53 13.24
CA ARG A 183 17.58 42.26 12.88
C ARG A 183 17.25 42.62 11.42
N THR A 184 18.25 43.06 10.62
CA THR A 184 17.98 43.44 9.23
C THR A 184 18.62 42.50 8.19
N ILE A 185 18.14 42.65 6.96
CA ILE A 185 18.60 42.04 5.73
C ILE A 185 18.98 43.24 4.86
N LYS A 186 20.15 43.22 4.27
CA LYS A 186 20.52 44.31 3.35
C LYS A 186 20.75 43.71 1.97
N VAL A 187 20.34 44.43 0.92
CA VAL A 187 20.56 43.98 -0.47
C VAL A 187 21.57 44.95 -1.09
N TRP A 188 22.60 44.38 -1.73
CA TRP A 188 23.73 45.15 -2.22
C TRP A 188 24.06 44.94 -3.68
N GLN A 189 24.80 45.90 -4.27
CA GLN A 189 25.33 45.81 -5.64
C GLN A 189 26.89 45.90 -5.49
N LEU A 190 27.68 45.15 -6.28
CA LEU A 190 29.15 45.03 -6.11
C LEU A 190 30.04 46.31 -6.31
N GLY A 191 29.53 47.36 -6.93
CA GLY A 191 30.23 48.62 -7.19
C GLY A 191 29.91 49.73 -6.22
N SER A 192 29.09 49.43 -5.19
CA SER A 192 28.69 50.37 -4.13
C SER A 192 28.95 49.77 -2.74
N SER A 193 29.64 50.51 -1.88
CA SER A 193 29.95 50.12 -0.49
C SER A 193 28.76 50.29 0.46
N SER A 194 27.66 50.91 -0.03
CA SER A 194 26.46 51.20 0.76
C SER A 194 25.29 50.32 0.29
N PRO A 195 24.34 49.92 1.18
CA PRO A 195 23.26 49.03 0.72
C PRO A 195 22.28 49.68 -0.25
N ASN A 196 21.77 48.88 -1.20
CA ASN A 196 20.76 49.35 -2.16
C ASN A 196 19.50 49.73 -1.38
N PHE A 197 19.13 48.89 -0.40
CA PHE A 197 18.01 49.03 0.53
C PHE A 197 18.19 48.04 1.72
N THR A 198 17.37 48.21 2.77
CA THR A 198 17.39 47.41 4.00
C THR A 198 15.97 46.88 4.27
N LEU A 199 15.85 45.58 4.53
CA LEU A 199 14.57 44.92 4.82
C LEU A 199 14.48 44.68 6.31
N GLU A 200 13.43 45.25 6.92
CA GLU A 200 13.14 45.14 8.36
C GLU A 200 11.82 44.43 8.53
N GLY A 201 11.71 43.67 9.61
CA GLY A 201 10.52 42.92 9.95
C GLY A 201 10.78 41.88 11.00
N HIS A 202 12.01 41.41 11.10
CA HIS A 202 12.39 40.42 12.10
C HIS A 202 12.50 41.09 13.48
N GLU A 203 11.90 40.47 14.50
CA GLU A 203 11.86 40.94 15.88
C GLU A 203 13.15 40.64 16.64
N LYS A 204 13.96 39.67 16.14
CA LYS A 204 15.26 39.26 16.70
C LYS A 204 16.26 39.09 15.56
N GLY A 205 17.56 38.87 15.89
CA GLY A 205 18.65 38.71 14.94
C GLY A 205 18.41 37.72 13.81
N VAL A 206 18.91 38.04 12.59
CA VAL A 206 18.77 37.23 11.35
C VAL A 206 20.02 36.37 11.12
N ASN A 207 19.82 35.06 10.96
CA ASN A 207 20.87 34.07 10.84
C ASN A 207 21.16 33.58 9.44
N CYS A 208 20.13 33.56 8.60
CA CYS A 208 20.22 32.97 7.27
C CYS A 208 19.44 33.73 6.26
N ILE A 209 19.91 33.62 5.01
CA ILE A 209 19.37 34.31 3.86
C ILE A 209 19.62 33.46 2.59
N ASP A 210 18.60 33.39 1.73
CA ASP A 210 18.66 32.70 0.46
C ASP A 210 17.72 33.32 -0.59
N TYR A 211 18.03 33.11 -1.88
CA TYR A 211 17.24 33.56 -3.02
C TYR A 211 16.53 32.42 -3.67
N TYR A 212 15.33 32.69 -4.16
CA TYR A 212 14.55 31.77 -5.00
C TYR A 212 15.24 31.84 -6.41
N SER A 213 15.53 30.69 -7.02
CA SER A 213 16.19 30.56 -8.32
C SER A 213 15.33 30.91 -9.57
N GLY A 214 14.03 30.67 -9.50
CA GLY A 214 13.11 30.92 -10.61
C GLY A 214 12.87 32.38 -10.96
N GLY A 215 12.62 32.65 -12.24
CA GLY A 215 12.40 34.00 -12.76
C GLY A 215 11.01 34.56 -12.53
N ASP A 216 10.07 33.67 -12.19
CA ASP A 216 8.67 33.99 -11.94
C ASP A 216 8.41 34.82 -10.68
N LYS A 217 9.29 34.77 -9.66
CA LYS A 217 9.11 35.41 -8.36
C LYS A 217 10.41 36.09 -7.88
N PRO A 218 10.42 37.41 -7.57
CA PRO A 218 11.64 38.04 -7.01
C PRO A 218 11.66 37.86 -5.48
N TYR A 219 11.92 36.63 -5.03
CA TYR A 219 11.85 36.25 -3.63
C TYR A 219 13.14 35.97 -2.92
N LEU A 220 13.18 36.39 -1.64
CA LEU A 220 14.23 36.08 -0.68
C LEU A 220 13.56 35.33 0.47
N ILE A 221 14.32 34.48 1.16
CA ILE A 221 13.93 33.72 2.34
C ILE A 221 14.96 33.97 3.46
N SER A 222 14.47 34.26 4.68
CA SER A 222 15.31 34.46 5.83
C SER A 222 14.76 33.70 7.03
N GLY A 223 15.60 33.48 8.02
CA GLY A 223 15.23 32.86 9.28
C GLY A 223 15.93 33.57 10.41
N ALA A 224 15.25 33.75 11.52
CA ALA A 224 15.84 34.50 12.61
C ALA A 224 15.71 33.88 13.99
N ASP A 225 16.29 34.56 15.02
CA ASP A 225 16.22 34.18 16.43
C ASP A 225 14.77 34.32 16.96
N ASP A 226 13.88 34.94 16.16
CA ASP A 226 12.46 35.11 16.50
C ASP A 226 11.64 33.83 16.21
N ARG A 227 12.30 32.75 15.74
CA ARG A 227 11.73 31.42 15.37
C ARG A 227 10.90 31.50 14.09
N LEU A 228 11.03 32.63 13.37
CA LEU A 228 10.26 32.83 12.16
C LEU A 228 11.11 32.74 10.89
N VAL A 229 10.45 32.25 9.86
CA VAL A 229 10.94 32.18 8.49
C VAL A 229 10.12 33.25 7.74
N LYS A 230 10.79 34.20 7.09
CA LYS A 230 10.09 35.23 6.34
C LYS A 230 10.44 35.15 4.84
N ILE A 231 9.45 35.47 3.99
CA ILE A 231 9.59 35.47 2.53
C ILE A 231 9.47 36.93 2.08
N TRP A 232 10.49 37.43 1.36
CA TRP A 232 10.52 38.82 0.93
C TRP A 232 10.47 38.99 -0.59
N ASP A 233 9.80 40.05 -1.04
CA ASP A 233 9.78 40.43 -2.45
C ASP A 233 10.80 41.58 -2.52
N TYR A 234 11.97 41.33 -3.15
CA TYR A 234 13.03 42.35 -3.17
C TYR A 234 12.80 43.46 -4.19
N GLN A 235 11.84 43.29 -5.10
CA GLN A 235 11.47 44.33 -6.08
C GLN A 235 10.51 45.33 -5.41
N ASN A 236 9.50 44.84 -4.66
CA ASN A 236 8.53 45.67 -3.92
C ASN A 236 9.06 46.07 -2.56
N LYS A 237 10.15 45.39 -2.09
CA LYS A 237 10.82 45.62 -0.79
C LYS A 237 9.85 45.33 0.37
N THR A 238 9.15 44.17 0.29
CA THR A 238 8.12 43.79 1.27
C THR A 238 8.24 42.36 1.78
N CYS A 239 7.61 42.11 2.93
CA CYS A 239 7.48 40.78 3.50
C CYS A 239 6.18 40.24 2.93
N VAL A 240 6.24 39.14 2.17
CA VAL A 240 5.04 38.58 1.55
C VAL A 240 4.45 37.42 2.36
N GLN A 241 5.26 36.74 3.18
CA GLN A 241 4.83 35.59 3.99
C GLN A 241 5.73 35.38 5.21
N THR A 242 5.11 34.92 6.31
CA THR A 242 5.77 34.57 7.58
C THR A 242 5.36 33.13 7.95
N LEU A 243 6.33 32.23 8.11
CA LEU A 243 6.08 30.84 8.46
C LEU A 243 6.50 30.55 9.89
N GLU A 244 5.50 30.31 10.74
CA GLU A 244 5.70 29.93 12.15
C GLU A 244 5.73 28.40 12.19
N GLY A 245 6.28 27.84 13.24
CA GLY A 245 6.36 26.40 13.40
C GLY A 245 7.53 25.92 14.22
N HIS A 246 8.73 26.50 13.96
CA HIS A 246 9.95 26.16 14.69
C HIS A 246 9.84 26.62 16.14
N ALA A 247 10.34 25.77 17.06
CA ALA A 247 10.36 25.96 18.51
C ALA A 247 11.54 26.80 19.02
N GLN A 248 12.60 26.98 18.21
CA GLN A 248 13.71 27.88 18.54
C GLN A 248 14.33 28.45 17.28
N ASN A 249 15.39 29.23 17.44
CA ASN A 249 16.10 29.93 16.38
C ASN A 249 16.19 29.19 15.09
N VAL A 250 15.81 29.84 14.00
CA VAL A 250 15.97 29.29 12.67
C VAL A 250 17.42 29.61 12.27
N SER A 251 18.23 28.57 12.07
CA SER A 251 19.65 28.69 11.75
C SER A 251 19.89 28.60 10.25
N CYS A 252 18.96 27.95 9.52
CA CYS A 252 19.12 27.80 8.07
C CYS A 252 17.79 27.70 7.35
N ALA A 253 17.76 28.25 6.15
CA ALA A 253 16.57 28.32 5.30
C ALA A 253 16.97 28.49 3.84
N SER A 254 16.38 27.69 2.97
CA SER A 254 16.67 27.74 1.56
C SER A 254 15.49 27.37 0.71
N PHE A 255 15.55 27.75 -0.56
CA PHE A 255 14.62 27.33 -1.60
C PHE A 255 15.37 26.23 -2.33
N HIS A 256 14.74 25.08 -2.59
CA HIS A 256 15.49 24.07 -3.33
C HIS A 256 15.61 24.50 -4.81
N PRO A 257 16.75 24.30 -5.50
CA PRO A 257 16.84 24.75 -6.90
C PRO A 257 15.97 24.00 -7.91
N GLU A 258 15.70 22.68 -7.71
CA GLU A 258 14.92 21.91 -8.68
C GLU A 258 13.50 21.64 -8.19
N LEU A 259 13.38 21.21 -6.92
CA LEU A 259 12.12 20.88 -6.28
C LEU A 259 11.32 22.08 -5.84
N PRO A 260 9.96 22.01 -5.87
CA PRO A 260 9.18 23.20 -5.44
C PRO A 260 9.02 23.24 -3.92
N ILE A 261 10.15 23.28 -3.22
CA ILE A 261 10.15 23.25 -1.75
C ILE A 261 11.04 24.32 -1.06
N ILE A 262 10.77 24.51 0.20
CA ILE A 262 11.52 25.34 1.12
C ILE A 262 12.01 24.37 2.18
N ILE A 263 13.29 24.46 2.53
CA ILE A 263 13.91 23.66 3.59
C ILE A 263 14.35 24.64 4.68
N THR A 264 13.93 24.39 5.91
CA THR A 264 14.31 25.23 7.04
C THR A 264 14.81 24.32 8.17
N GLY A 265 15.90 24.73 8.82
CA GLY A 265 16.47 24.01 9.96
C GLY A 265 16.48 24.88 11.18
N SER A 266 16.41 24.27 12.35
CA SER A 266 16.36 25.03 13.59
C SER A 266 17.23 24.45 14.72
N GLU A 267 17.46 25.28 15.75
CA GLU A 267 18.17 24.84 16.95
C GLU A 267 17.24 23.90 17.76
N ASP A 268 15.95 23.78 17.36
CA ASP A 268 14.97 22.84 17.94
C ASP A 268 15.28 21.39 17.51
N GLY A 269 16.27 21.25 16.62
CA GLY A 269 16.74 19.98 16.11
C GLY A 269 15.96 19.42 14.95
N THR A 270 14.99 20.20 14.43
CA THR A 270 14.18 19.74 13.31
C THR A 270 14.52 20.46 11.98
N VAL A 271 14.25 19.73 10.87
CA VAL A 271 14.34 20.20 9.50
C VAL A 271 12.90 20.13 9.02
N ARG A 272 12.38 21.21 8.47
CA ARG A 272 11.03 21.23 7.94
C ARG A 272 11.06 21.46 6.44
N ILE A 273 10.14 20.82 5.74
CA ILE A 273 10.00 20.92 4.29
C ILE A 273 8.61 21.48 4.01
N TRP A 274 8.55 22.61 3.30
CA TRP A 274 7.32 23.32 3.00
C TRP A 274 7.18 23.43 1.49
N HIS A 275 5.93 23.41 0.96
CA HIS A 275 5.74 23.64 -0.48
C HIS A 275 6.08 25.12 -0.74
N SER A 276 6.84 25.42 -1.82
CA SER A 276 7.26 26.79 -2.07
C SER A 276 6.16 27.72 -2.59
N SER A 277 5.09 27.18 -3.20
CA SER A 277 3.98 28.07 -3.68
C SER A 277 2.91 28.20 -2.62
N THR A 278 2.44 27.07 -2.06
CA THR A 278 1.38 27.05 -1.07
C THR A 278 1.84 27.25 0.39
N TYR A 279 3.15 27.04 0.69
CA TYR A 279 3.70 27.13 2.06
C TYR A 279 3.13 26.08 3.02
N ARG A 280 2.56 25.00 2.45
CA ARG A 280 2.03 23.89 3.22
C ARG A 280 3.19 23.06 3.77
N LEU A 281 3.13 22.68 5.07
CA LEU A 281 4.12 21.84 5.71
C LEU A 281 4.01 20.43 5.17
N GLU A 282 5.04 20.01 4.42
CA GLU A 282 5.13 18.71 3.77
C GLU A 282 5.74 17.66 4.69
N SER A 283 6.87 17.97 5.41
CA SER A 283 7.55 17.01 6.26
C SER A 283 8.31 17.67 7.39
N THR A 284 8.45 16.95 8.52
CA THR A 284 9.24 17.34 9.66
C THR A 284 10.19 16.19 9.94
N LEU A 285 11.49 16.49 9.93
CA LEU A 285 12.54 15.51 10.11
C LEU A 285 13.29 15.81 11.37
N ASN A 286 13.41 14.79 12.20
CA ASN A 286 14.19 14.80 13.42
C ASN A 286 15.09 13.57 13.39
N TYR A 287 16.37 13.77 13.09
CA TYR A 287 17.32 12.68 12.96
C TYR A 287 18.15 12.39 14.21
N GLY A 288 17.82 13.06 15.33
CA GLY A 288 18.46 12.90 16.64
C GLY A 288 19.93 13.27 16.69
N MET A 289 20.30 14.37 16.05
CA MET A 289 21.69 14.79 15.94
C MET A 289 21.90 16.12 16.63
N GLU A 290 20.91 16.50 17.43
CA GLU A 290 20.79 17.74 18.19
C GLU A 290 20.53 18.96 17.27
N ARG A 291 21.10 20.15 17.56
CA ARG A 291 20.82 21.35 16.79
C ARG A 291 21.22 21.27 15.34
N VAL A 292 20.37 21.88 14.47
CA VAL A 292 20.66 21.97 13.04
C VAL A 292 21.36 23.30 12.87
N TRP A 293 22.43 23.35 12.02
CA TRP A 293 23.20 24.57 11.77
C TRP A 293 23.27 24.96 10.32
N CYS A 294 23.19 24.00 9.39
CA CYS A 294 23.37 24.31 7.98
C CYS A 294 22.71 23.32 7.06
N VAL A 295 22.47 23.78 5.83
CA VAL A 295 21.86 23.05 4.75
C VAL A 295 22.55 23.39 3.41
N ALA A 296 22.63 22.41 2.50
CA ALA A 296 23.12 22.62 1.14
C ALA A 296 22.36 21.72 0.19
N SER A 297 22.04 22.27 -0.96
CA SER A 297 21.36 21.65 -2.05
C SER A 297 22.28 21.78 -3.25
N LEU A 298 21.90 21.16 -4.38
CA LEU A 298 22.67 21.23 -5.61
C LEU A 298 21.76 21.14 -6.84
N ARG A 299 21.92 22.08 -7.77
CA ARG A 299 21.20 22.15 -9.04
C ARG A 299 21.43 20.83 -9.82
N GLY A 300 20.33 20.24 -10.31
CA GLY A 300 20.36 18.99 -11.06
C GLY A 300 20.50 17.75 -10.22
N SER A 301 20.44 17.90 -8.88
CA SER A 301 20.56 16.78 -7.92
C SER A 301 19.42 16.85 -6.87
N ASN A 302 19.00 15.68 -6.38
CA ASN A 302 17.94 15.58 -5.35
C ASN A 302 18.53 15.43 -3.93
N ASN A 303 19.88 15.43 -3.84
CA ASN A 303 20.62 15.32 -2.58
C ASN A 303 20.64 16.63 -1.79
N VAL A 304 20.38 16.53 -0.48
CA VAL A 304 20.41 17.65 0.44
C VAL A 304 21.35 17.32 1.61
N ALA A 305 22.35 18.16 1.84
CA ALA A 305 23.31 17.98 2.94
C ALA A 305 22.81 18.78 4.16
N LEU A 306 22.95 18.20 5.35
CA LEU A 306 22.53 18.82 6.61
C LEU A 306 23.60 18.70 7.67
N GLY A 307 23.88 19.80 8.36
CA GLY A 307 24.89 19.86 9.41
C GLY A 307 24.27 20.09 10.77
N TYR A 308 24.76 19.34 11.76
CA TYR A 308 24.25 19.31 13.12
C TYR A 308 25.37 19.36 14.15
N ASP A 309 24.97 19.40 15.44
CA ASP A 309 25.90 19.33 16.57
C ASP A 309 26.65 17.98 16.54
N GLU A 310 25.94 16.89 16.18
CA GLU A 310 26.49 15.54 16.21
C GLU A 310 26.95 14.99 14.85
N GLY A 311 27.11 15.86 13.86
CA GLY A 311 27.60 15.46 12.55
C GLY A 311 26.79 15.91 11.36
N SER A 312 27.01 15.28 10.22
CA SER A 312 26.28 15.60 9.01
C SER A 312 25.58 14.41 8.38
N ILE A 313 24.51 14.71 7.64
CA ILE A 313 23.78 13.70 6.90
C ILE A 313 23.46 14.22 5.51
N ILE A 314 23.28 13.28 4.55
CA ILE A 314 22.83 13.52 3.21
C ILE A 314 21.53 12.76 3.04
N VAL A 315 20.50 13.43 2.55
CA VAL A 315 19.22 12.81 2.27
C VAL A 315 18.88 12.96 0.78
N LYS A 316 18.10 12.01 0.23
CA LYS A 316 17.64 12.07 -1.17
C LYS A 316 16.18 12.42 -1.08
N LEU A 317 15.76 13.41 -1.85
CA LEU A 317 14.35 13.80 -1.87
C LEU A 317 13.69 13.18 -3.10
N GLY A 318 13.20 11.96 -2.93
CA GLY A 318 12.56 11.22 -4.00
C GLY A 318 11.07 11.43 -4.04
N ARG A 319 10.36 10.47 -4.63
CA ARG A 319 8.92 10.59 -4.72
C ARG A 319 8.25 9.36 -4.15
N GLU A 320 7.14 9.55 -3.42
CA GLU A 320 6.36 8.42 -2.87
C GLU A 320 5.59 7.82 -4.04
N GLU A 321 5.12 8.66 -4.99
CA GLU A 321 4.36 8.29 -6.21
C GLU A 321 5.15 8.60 -7.49
N PRO A 322 5.48 7.57 -8.28
CA PRO A 322 6.32 7.77 -9.46
C PRO A 322 5.68 8.50 -10.59
N ALA A 323 6.50 9.22 -11.35
CA ALA A 323 6.07 9.91 -12.55
C ALA A 323 6.46 8.94 -13.68
N MET A 324 5.47 8.25 -14.23
CA MET A 324 5.65 7.23 -15.29
C MET A 324 4.38 6.99 -16.06
N SER A 325 4.52 6.64 -17.31
CA SER A 325 3.41 6.32 -18.18
C SER A 325 3.93 5.22 -19.11
N MET A 326 3.07 4.26 -19.44
CA MET A 326 3.34 3.18 -20.39
C MET A 326 2.37 3.35 -21.57
N ASP A 327 2.83 3.13 -22.81
CA ASP A 327 1.90 3.16 -23.96
C ASP A 327 1.27 1.75 -24.24
N ALA A 328 0.45 1.67 -25.30
CA ALA A 328 -0.21 0.44 -25.78
C ALA A 328 0.76 -0.72 -26.03
N ASN A 329 1.97 -0.44 -26.57
CA ASN A 329 2.98 -1.46 -26.86
C ASN A 329 3.89 -1.82 -25.66
N GLY A 330 3.70 -1.17 -24.52
CA GLY A 330 4.46 -1.49 -23.33
C GLY A 330 5.74 -0.70 -23.11
N LYS A 331 5.98 0.32 -23.96
CA LYS A 331 7.14 1.20 -23.86
C LYS A 331 6.84 2.22 -22.72
N ILE A 332 7.70 2.26 -21.69
CA ILE A 332 7.55 3.11 -20.53
C ILE A 332 8.41 4.37 -20.60
N ILE A 333 7.83 5.47 -20.15
CA ILE A 333 8.50 6.76 -20.02
C ILE A 333 8.32 7.19 -18.58
N TRP A 334 9.44 7.34 -17.84
CA TRP A 334 9.40 7.79 -16.46
C TRP A 334 10.40 8.92 -16.22
N ALA A 335 10.52 9.33 -14.95
CA ALA A 335 11.48 10.33 -14.52
C ALA A 335 12.25 9.83 -13.32
N LYS A 336 13.60 9.92 -13.37
CA LYS A 336 14.51 9.64 -12.26
C LYS A 336 14.96 11.06 -11.91
N HIS A 337 14.26 11.67 -10.94
CA HIS A 337 14.43 13.07 -10.51
C HIS A 337 13.96 14.01 -11.64
N SER A 338 14.89 14.62 -12.40
CA SER A 338 14.58 15.52 -13.52
C SER A 338 14.99 14.92 -14.86
N GLU A 339 15.61 13.73 -14.83
CA GLU A 339 16.02 12.99 -16.03
C GLU A 339 14.89 12.07 -16.55
N VAL A 340 14.38 12.37 -17.76
CA VAL A 340 13.34 11.59 -18.41
C VAL A 340 14.01 10.38 -19.09
N GLN A 341 13.54 9.18 -18.77
CA GLN A 341 14.10 7.94 -19.31
C GLN A 341 13.06 7.07 -20.00
N GLN A 342 13.56 6.15 -20.82
CA GLN A 342 12.79 5.18 -21.58
C GLN A 342 13.17 3.79 -21.06
N ALA A 343 12.14 2.94 -20.80
CA ALA A 343 12.31 1.59 -20.33
C ALA A 343 11.48 0.61 -21.19
N ASN A 344 12.12 -0.49 -21.60
CA ASN A 344 11.50 -1.55 -22.38
C ASN A 344 11.72 -2.85 -21.65
N LEU A 345 10.71 -3.70 -21.60
CA LEU A 345 10.82 -5.00 -20.95
C LEU A 345 11.67 -5.91 -21.84
N LYS A 346 12.65 -6.57 -21.23
CA LYS A 346 13.47 -7.55 -21.94
C LYS A 346 12.53 -8.72 -22.26
N ALA A 347 12.70 -9.38 -23.43
CA ALA A 347 11.86 -10.52 -23.82
C ALA A 347 11.89 -11.64 -22.74
N MET A 348 10.71 -12.14 -22.34
CA MET A 348 10.48 -13.18 -21.34
C MET A 348 9.38 -14.13 -21.84
N GLY A 349 9.59 -15.42 -21.67
CA GLY A 349 8.62 -16.43 -22.07
C GLY A 349 7.54 -16.59 -21.03
N ASP A 350 6.50 -17.38 -21.33
CA ASP A 350 5.38 -17.67 -20.43
C ASP A 350 5.90 -18.48 -19.23
N ALA A 351 6.86 -19.37 -19.49
CA ALA A 351 7.52 -20.25 -18.53
C ALA A 351 8.58 -19.50 -17.67
N GLU A 352 8.66 -18.16 -17.80
CA GLU A 352 9.65 -17.33 -17.09
C GLU A 352 9.01 -16.21 -16.31
N ILE A 353 7.80 -15.78 -16.73
CA ILE A 353 7.07 -14.71 -16.06
C ILE A 353 6.22 -15.35 -14.98
N LYS A 354 6.48 -14.95 -13.73
CA LYS A 354 5.74 -15.32 -12.53
C LYS A 354 5.00 -14.06 -12.10
N ASP A 355 3.68 -14.16 -11.87
CA ASP A 355 2.84 -13.06 -11.42
C ASP A 355 3.42 -12.42 -10.15
N GLY A 356 3.43 -11.10 -10.09
CA GLY A 356 3.95 -10.33 -8.95
C GLY A 356 5.44 -10.12 -8.92
N GLU A 357 6.20 -10.86 -9.73
CA GLU A 357 7.67 -10.72 -9.73
C GLU A 357 8.16 -9.50 -10.52
N ARG A 358 9.26 -8.90 -10.09
CA ARG A 358 9.86 -7.74 -10.78
C ARG A 358 10.44 -8.27 -12.08
N LEU A 359 10.31 -7.50 -13.14
CA LEU A 359 10.72 -7.88 -14.48
C LEU A 359 11.99 -7.17 -14.95
N PRO A 360 12.88 -7.85 -15.73
CA PRO A 360 14.06 -7.15 -16.27
C PRO A 360 13.69 -6.12 -17.36
N LEU A 361 14.33 -4.92 -17.30
CA LEU A 361 14.09 -3.80 -18.20
C LEU A 361 15.38 -3.25 -18.81
N ALA A 362 15.29 -2.68 -20.02
CA ALA A 362 16.40 -1.99 -20.70
C ALA A 362 16.09 -0.48 -20.56
N VAL A 363 16.89 0.26 -19.77
CA VAL A 363 16.73 1.70 -19.47
C VAL A 363 17.73 2.57 -20.25
N LYS A 364 17.21 3.62 -20.92
CA LYS A 364 17.99 4.58 -21.73
C LYS A 364 17.57 6.02 -21.41
N ASP A 365 18.55 6.90 -21.19
CA ASP A 365 18.29 8.32 -20.92
C ASP A 365 17.70 8.99 -22.16
N MET A 366 16.77 9.94 -21.99
CA MET A 366 16.19 10.64 -23.14
C MET A 366 16.47 12.15 -23.09
N GLY A 367 16.79 12.63 -21.88
CA GLY A 367 17.13 14.02 -21.59
C GLY A 367 16.58 14.55 -20.28
N SER A 368 17.20 15.63 -19.79
CA SER A 368 16.76 16.33 -18.57
C SER A 368 15.62 17.28 -18.94
N CYS A 369 14.54 17.24 -18.16
CA CYS A 369 13.34 18.04 -18.34
C CYS A 369 13.54 19.45 -17.78
N GLU A 370 12.99 20.46 -18.47
CA GLU A 370 13.13 21.86 -18.07
C GLU A 370 12.41 22.18 -16.77
N ILE A 371 11.36 21.42 -16.43
CA ILE A 371 10.58 21.57 -15.19
C ILE A 371 10.71 20.31 -14.31
N TYR A 372 10.34 20.38 -13.02
CA TYR A 372 10.39 19.19 -12.18
C TYR A 372 9.15 18.33 -12.53
N PRO A 373 9.35 17.10 -13.07
CA PRO A 373 8.19 16.30 -13.47
C PRO A 373 7.41 15.73 -12.28
N GLN A 374 6.12 16.08 -12.18
CA GLN A 374 5.21 15.57 -11.17
C GLN A 374 4.36 14.48 -11.78
N THR A 375 3.88 14.67 -13.03
CA THR A 375 3.11 13.70 -13.82
C THR A 375 3.61 13.60 -15.24
N ILE A 376 3.63 12.37 -15.75
CA ILE A 376 3.99 12.02 -17.13
C ILE A 376 2.79 11.18 -17.66
N GLN A 377 2.23 11.60 -18.80
CA GLN A 377 1.12 10.92 -19.41
C GLN A 377 1.17 10.93 -20.94
N HIS A 378 1.17 9.74 -21.53
CA HIS A 378 1.09 9.57 -22.99
C HIS A 378 -0.33 9.93 -23.43
N ASN A 379 -0.52 10.44 -24.64
CA ASN A 379 -1.87 10.64 -25.15
C ASN A 379 -2.48 9.22 -25.45
N PRO A 380 -3.77 9.07 -25.87
CA PRO A 380 -4.32 7.70 -26.12
C PRO A 380 -3.53 6.78 -27.08
N ASN A 381 -3.00 7.30 -28.22
CA ASN A 381 -2.24 6.47 -29.18
C ASN A 381 -0.74 6.24 -28.81
N GLY A 382 -0.22 6.99 -27.84
CA GLY A 382 1.16 6.86 -27.39
C GLY A 382 2.19 7.57 -28.25
N ARG A 383 1.75 8.41 -29.21
CA ARG A 383 2.66 9.17 -30.09
C ARG A 383 3.26 10.38 -29.36
N PHE A 384 2.53 10.89 -28.36
CA PHE A 384 2.93 12.05 -27.59
C PHE A 384 2.95 11.78 -26.11
N VAL A 385 3.71 12.62 -25.37
CA VAL A 385 3.80 12.51 -23.93
C VAL A 385 3.84 13.91 -23.31
N VAL A 386 2.99 14.15 -22.30
CA VAL A 386 2.95 15.40 -21.58
C VAL A 386 3.66 15.23 -20.21
N VAL A 387 4.45 16.26 -19.83
CA VAL A 387 5.12 16.33 -18.52
C VAL A 387 4.52 17.53 -17.79
N CYS A 388 3.95 17.31 -16.59
CA CYS A 388 3.37 18.37 -15.73
C CYS A 388 4.23 18.58 -14.47
N GLY A 389 4.43 19.84 -14.10
CA GLY A 389 5.21 20.17 -12.91
C GLY A 389 5.07 21.62 -12.48
N ASP A 390 4.63 21.82 -11.20
CA ASP A 390 4.38 23.09 -10.47
C ASP A 390 3.91 24.25 -11.39
N GLY A 391 2.66 24.17 -11.83
CA GLY A 391 2.03 25.17 -12.69
C GLY A 391 2.43 25.23 -14.16
N GLU A 392 3.34 24.34 -14.61
CA GLU A 392 3.80 24.28 -16.01
C GLU A 392 3.50 22.90 -16.68
N TYR A 393 3.61 22.82 -18.03
CA TYR A 393 3.51 21.59 -18.82
C TYR A 393 4.34 21.67 -20.10
N ILE A 394 4.85 20.53 -20.59
CA ILE A 394 5.60 20.40 -21.85
C ILE A 394 5.17 19.09 -22.53
N ILE A 395 4.86 19.15 -23.84
CA ILE A 395 4.47 18.00 -24.63
C ILE A 395 5.61 17.63 -25.57
N TYR A 396 5.99 16.37 -25.62
CA TYR A 396 7.05 15.93 -26.53
C TYR A 396 6.52 14.80 -27.44
N THR A 397 7.23 14.52 -28.54
CA THR A 397 6.96 13.35 -29.39
C THR A 397 7.57 12.17 -28.62
N ALA A 398 6.75 11.19 -28.22
CA ALA A 398 7.19 10.08 -27.37
C ALA A 398 8.39 9.27 -27.93
N MET A 399 8.53 9.21 -29.27
CA MET A 399 9.58 8.49 -29.97
C MET A 399 10.99 8.88 -29.49
N ALA A 400 11.43 10.14 -29.75
CA ALA A 400 12.76 10.61 -29.33
C ALA A 400 12.73 11.81 -28.35
N LEU A 401 11.57 12.01 -27.66
CA LEU A 401 11.31 13.10 -26.70
C LEU A 401 11.70 14.49 -27.26
N ARG A 402 11.28 14.73 -28.51
CA ARG A 402 11.51 16.01 -29.18
C ARG A 402 10.35 16.93 -28.75
N ASN A 403 10.65 18.19 -28.35
CA ASN A 403 9.64 19.18 -27.92
C ASN A 403 8.58 19.40 -29.01
N LYS A 404 7.29 19.50 -28.60
CA LYS A 404 6.16 19.72 -29.52
C LYS A 404 5.39 21.00 -29.18
N SER A 405 5.16 21.26 -27.89
CA SER A 405 4.47 22.43 -27.35
C SER A 405 4.78 22.48 -25.85
N PHE A 406 4.50 23.62 -25.21
CA PHE A 406 4.71 23.84 -23.77
C PHE A 406 3.72 24.96 -23.33
N GLY A 407 3.67 25.25 -22.03
CA GLY A 407 2.74 26.24 -21.51
C GLY A 407 2.55 26.13 -20.00
N SER A 408 1.58 26.90 -19.47
CA SER A 408 1.30 26.99 -18.04
C SER A 408 -0.11 26.54 -17.74
N ALA A 409 -0.27 25.70 -16.69
CA ALA A 409 -1.55 25.16 -16.27
C ALA A 409 -1.53 24.57 -14.86
N GLN A 410 -2.67 24.61 -14.18
CA GLN A 410 -2.89 24.01 -12.85
C GLN A 410 -3.12 22.51 -13.03
N GLU A 411 -3.69 22.11 -14.19
CA GLU A 411 -4.04 20.75 -14.56
C GLU A 411 -4.23 20.62 -16.04
N PHE A 412 -3.83 19.47 -16.58
CA PHE A 412 -3.87 19.04 -17.99
C PHE A 412 -4.74 17.77 -18.16
N ALA A 413 -5.48 17.70 -19.27
CA ALA A 413 -6.28 16.52 -19.56
C ALA A 413 -6.27 16.25 -21.05
N TRP A 414 -5.90 15.01 -21.46
CA TRP A 414 -5.90 14.62 -22.88
C TRP A 414 -7.35 14.27 -23.30
N ALA A 415 -7.69 14.33 -24.58
CA ALA A 415 -9.01 13.89 -25.03
C ALA A 415 -8.88 12.40 -25.43
N HIS A 416 -9.95 11.72 -25.85
CA HIS A 416 -9.83 10.29 -26.27
C HIS A 416 -9.35 10.26 -27.75
N ASP A 417 -9.62 11.37 -28.48
CA ASP A 417 -9.25 11.59 -29.89
C ASP A 417 -7.84 12.23 -29.93
N SER A 418 -6.79 11.36 -29.80
CA SER A 418 -5.35 11.64 -29.75
C SER A 418 -4.89 12.87 -30.58
N SER A 419 -4.12 13.77 -29.94
CA SER A 419 -3.66 15.10 -30.41
C SER A 419 -4.79 16.14 -30.22
N GLU A 420 -5.33 16.14 -28.96
CA GLU A 420 -6.41 17.01 -28.46
C GLU A 420 -6.35 17.06 -26.92
N TYR A 421 -6.34 18.26 -26.32
CA TYR A 421 -6.20 18.43 -24.87
C TYR A 421 -6.88 19.67 -24.29
N ALA A 422 -7.05 19.70 -22.95
CA ALA A 422 -7.63 20.81 -22.20
C ALA A 422 -6.75 21.16 -21.00
N ILE A 423 -6.64 22.46 -20.69
CA ILE A 423 -5.83 22.97 -19.56
C ILE A 423 -6.72 23.80 -18.63
N ARG A 424 -6.44 23.77 -17.32
CA ARG A 424 -7.20 24.45 -16.26
C ARG A 424 -6.35 25.53 -15.60
N GLU A 425 -6.91 26.75 -15.51
CA GLU A 425 -6.31 27.95 -14.92
C GLU A 425 -7.03 28.32 -13.61
N SER A 426 -6.31 28.14 -12.47
CA SER A 426 -6.78 28.34 -11.07
C SER A 426 -8.00 27.44 -10.77
N ASN A 427 -9.15 28.02 -10.44
CA ASN A 427 -10.37 27.29 -10.18
C ASN A 427 -11.49 27.90 -11.04
N SER A 428 -11.17 28.38 -12.26
CA SER A 428 -12.21 29.03 -13.05
C SER A 428 -12.13 28.92 -14.58
N ILE A 429 -10.94 28.94 -15.19
CA ILE A 429 -10.87 28.94 -16.66
C ILE A 429 -10.46 27.58 -17.24
N VAL A 430 -11.15 27.11 -18.32
CA VAL A 430 -10.82 25.87 -19.01
C VAL A 430 -10.62 26.18 -20.51
N LYS A 431 -9.40 25.89 -21.05
CA LYS A 431 -9.03 26.11 -22.47
C LYS A 431 -8.83 24.77 -23.22
N ILE A 432 -9.31 24.65 -24.50
CA ILE A 432 -9.21 23.44 -25.35
C ILE A 432 -8.22 23.66 -26.53
N PHE A 433 -7.54 22.59 -26.98
CA PHE A 433 -6.51 22.67 -28.02
C PHE A 433 -6.60 21.52 -29.04
N LYS A 434 -6.43 21.83 -30.33
CA LYS A 434 -6.49 20.86 -31.44
C LYS A 434 -5.25 21.04 -32.33
N ASN A 435 -4.50 19.94 -32.54
CA ASN A 435 -3.23 19.91 -33.28
C ASN A 435 -2.25 21.00 -32.75
N PHE A 436 -2.11 21.02 -31.41
CA PHE A 436 -1.22 21.84 -30.61
C PHE A 436 -1.47 23.36 -30.74
N LYS A 437 -2.72 23.72 -31.09
CA LYS A 437 -3.19 25.11 -31.25
C LYS A 437 -4.52 25.27 -30.51
N GLU A 438 -4.69 26.40 -29.75
CA GLU A 438 -5.93 26.69 -29.02
C GLU A 438 -7.10 26.80 -29.99
N LYS A 439 -8.22 26.14 -29.65
CA LYS A 439 -9.45 26.12 -30.45
C LYS A 439 -10.57 26.89 -29.75
N LYS A 440 -10.62 26.87 -28.39
CA LYS A 440 -11.65 27.54 -27.58
C LYS A 440 -11.24 27.72 -26.11
N SER A 441 -12.07 28.45 -25.34
CA SER A 441 -11.92 28.75 -23.91
C SER A 441 -13.30 29.03 -23.31
N PHE A 442 -13.53 28.70 -22.03
CA PHE A 442 -14.81 28.91 -21.33
C PHE A 442 -14.63 28.93 -19.80
N LYS A 443 -15.70 29.28 -19.07
CA LYS A 443 -15.67 29.31 -17.61
C LYS A 443 -16.82 28.46 -17.02
N PRO A 444 -16.53 27.26 -16.42
CA PRO A 444 -17.62 26.45 -15.81
C PRO A 444 -18.33 27.19 -14.66
N ASP A 445 -19.67 27.11 -14.67
CA ASP A 445 -20.62 27.80 -13.79
C ASP A 445 -20.31 27.78 -12.27
N PHE A 446 -19.74 26.70 -11.73
CA PHE A 446 -19.52 26.64 -10.29
C PHE A 446 -18.04 26.55 -9.90
N GLY A 447 -17.17 26.79 -10.88
CA GLY A 447 -15.72 26.73 -10.70
C GLY A 447 -15.13 25.46 -11.29
N ALA A 448 -13.80 25.41 -11.38
CA ALA A 448 -13.05 24.26 -11.87
C ALA A 448 -12.00 23.89 -10.84
N GLU A 449 -12.40 23.08 -9.84
CA GLU A 449 -11.44 22.58 -8.83
C GLU A 449 -10.52 21.55 -9.49
N SER A 450 -11.07 20.65 -10.34
CA SER A 450 -10.25 19.70 -11.11
C SER A 450 -10.90 19.37 -12.45
N ILE A 451 -10.07 19.03 -13.45
CA ILE A 451 -10.51 18.66 -14.80
C ILE A 451 -10.16 17.19 -15.11
N TYR A 452 -10.98 16.52 -15.92
CA TYR A 452 -10.81 15.10 -16.26
C TYR A 452 -10.92 14.90 -17.77
N GLY A 453 -9.98 14.15 -18.32
CA GLY A 453 -9.92 13.85 -19.74
C GLY A 453 -10.71 12.62 -20.11
N GLY A 454 -10.61 12.23 -21.37
CA GLY A 454 -11.28 11.04 -21.88
C GLY A 454 -12.28 11.33 -22.97
N PHE A 455 -13.35 10.54 -22.99
CA PHE A 455 -14.42 10.60 -23.99
C PHE A 455 -15.18 11.94 -23.98
N LEU A 456 -15.37 12.48 -22.76
CA LEU A 456 -15.99 13.79 -22.51
C LEU A 456 -15.04 14.55 -21.56
N LEU A 457 -15.10 15.89 -21.57
CA LEU A 457 -14.30 16.74 -20.70
C LEU A 457 -15.06 16.87 -19.37
N GLY A 458 -14.42 16.48 -18.29
CA GLY A 458 -15.02 16.53 -16.95
C GLY A 458 -14.53 17.69 -16.12
N VAL A 459 -15.45 18.36 -15.41
CA VAL A 459 -15.13 19.49 -14.53
C VAL A 459 -15.73 19.22 -13.13
N ARG A 460 -14.87 19.25 -12.09
CA ARG A 460 -15.26 19.10 -10.68
C ARG A 460 -15.28 20.51 -10.10
N SER A 461 -16.38 20.90 -9.47
CA SER A 461 -16.59 22.19 -8.83
C SER A 461 -17.03 21.95 -7.40
N VAL A 462 -17.48 22.99 -6.69
CA VAL A 462 -18.02 22.87 -5.33
C VAL A 462 -19.44 22.28 -5.46
N ASN A 463 -20.04 22.39 -6.68
CA ASN A 463 -21.38 21.89 -7.02
C ASN A 463 -21.46 20.41 -7.24
N GLY A 464 -20.36 19.83 -7.71
CA GLY A 464 -20.22 18.41 -8.04
C GLY A 464 -19.43 18.21 -9.32
N LEU A 465 -19.94 17.39 -10.23
CA LEU A 465 -19.26 17.08 -11.47
C LEU A 465 -20.09 17.46 -12.67
N ALA A 466 -19.44 17.98 -13.72
CA ALA A 466 -20.11 18.30 -14.97
C ALA A 466 -19.29 17.83 -16.18
N PHE A 467 -19.98 17.25 -17.16
CA PHE A 467 -19.41 16.76 -18.42
C PHE A 467 -19.80 17.67 -19.58
N TYR A 468 -18.81 18.09 -20.35
CA TYR A 468 -18.99 18.98 -21.50
C TYR A 468 -18.38 18.29 -22.71
N ASP A 469 -18.79 18.71 -23.93
CA ASP A 469 -18.32 18.09 -25.18
C ASP A 469 -17.09 18.81 -25.73
N TRP A 470 -16.05 18.02 -26.11
CA TRP A 470 -14.75 18.47 -26.64
C TRP A 470 -14.83 19.39 -27.86
N ASP A 471 -15.89 19.26 -28.68
CA ASP A 471 -16.06 20.03 -29.90
C ASP A 471 -16.60 21.48 -29.72
N ASN A 472 -17.45 21.73 -28.70
CA ASN A 472 -18.10 23.05 -28.53
C ASN A 472 -18.21 23.56 -27.09
N THR A 473 -17.74 22.78 -26.09
CA THR A 473 -17.79 23.10 -24.66
C THR A 473 -19.24 23.18 -24.14
N GLU A 474 -20.18 22.53 -24.83
CA GLU A 474 -21.60 22.49 -24.47
C GLU A 474 -21.84 21.44 -23.37
N LEU A 475 -22.59 21.81 -22.33
CA LEU A 475 -22.90 20.94 -21.21
C LEU A 475 -23.72 19.72 -21.64
N ILE A 476 -23.34 18.56 -21.13
CA ILE A 476 -24.03 17.32 -21.42
C ILE A 476 -24.78 16.85 -20.17
N ARG A 477 -24.10 16.82 -19.00
CA ARG A 477 -24.68 16.39 -17.75
C ARG A 477 -23.97 16.95 -16.53
N ARG A 478 -24.72 17.21 -15.45
CA ARG A 478 -24.23 17.63 -14.14
C ARG A 478 -24.65 16.51 -13.16
N ILE A 479 -23.67 15.89 -12.47
CA ILE A 479 -23.91 14.82 -11.49
C ILE A 479 -23.42 15.32 -10.12
N GLU A 480 -24.26 15.19 -9.06
CA GLU A 480 -23.88 15.65 -7.72
C GLU A 480 -22.94 14.64 -7.07
N ILE A 481 -21.63 14.77 -7.38
CA ILE A 481 -20.58 13.87 -6.93
C ILE A 481 -19.22 14.58 -6.85
N GLN A 482 -18.38 14.19 -5.87
CA GLN A 482 -17.04 14.75 -5.74
C GLN A 482 -15.99 13.68 -6.16
N PRO A 483 -15.56 13.65 -7.45
CA PRO A 483 -14.64 12.61 -7.88
C PRO A 483 -13.18 12.88 -7.58
N LYS A 484 -12.44 11.81 -7.37
CA LYS A 484 -11.01 11.80 -7.19
C LYS A 484 -10.46 11.35 -8.55
N HIS A 485 -11.19 10.40 -9.21
CA HIS A 485 -10.80 9.84 -10.49
C HIS A 485 -11.99 9.56 -11.37
N ILE A 486 -11.79 9.66 -12.70
CA ILE A 486 -12.74 9.36 -13.78
C ILE A 486 -12.01 8.53 -14.82
N PHE A 487 -12.58 7.39 -15.21
CA PHE A 487 -11.96 6.49 -16.20
C PHE A 487 -13.01 6.08 -17.17
N TRP A 488 -12.76 6.33 -18.47
CA TRP A 488 -13.67 5.98 -19.55
C TRP A 488 -13.21 4.68 -20.22
N SER A 489 -14.16 3.83 -20.60
CA SER A 489 -13.82 2.64 -21.37
C SER A 489 -13.41 3.14 -22.78
N ASP A 490 -12.61 2.32 -23.49
CA ASP A 490 -12.09 2.61 -24.83
C ASP A 490 -13.19 3.06 -25.85
N SER A 491 -14.41 2.50 -25.74
CA SER A 491 -15.57 2.79 -26.61
C SER A 491 -16.35 4.05 -26.23
N GLY A 492 -16.20 4.49 -24.99
CA GLY A 492 -16.92 5.61 -24.41
C GLY A 492 -18.31 5.26 -23.91
N GLU A 493 -18.66 3.96 -23.98
CA GLU A 493 -19.96 3.45 -23.55
C GLU A 493 -20.03 3.26 -22.03
N LEU A 494 -18.86 3.29 -21.34
CA LEU A 494 -18.76 3.13 -19.89
C LEU A 494 -17.81 4.11 -19.22
N VAL A 495 -18.16 4.54 -18.02
CA VAL A 495 -17.35 5.45 -17.21
C VAL A 495 -17.37 5.00 -15.74
N CYS A 496 -16.24 5.17 -15.07
CA CYS A 496 -16.13 4.91 -13.65
C CYS A 496 -15.89 6.25 -12.96
N ILE A 497 -16.72 6.57 -11.97
CA ILE A 497 -16.55 7.80 -11.18
C ILE A 497 -16.17 7.35 -9.77
N ALA A 498 -14.92 7.52 -9.43
CA ALA A 498 -14.39 7.10 -8.14
C ALA A 498 -14.27 8.27 -7.17
N THR A 499 -14.83 8.09 -5.96
CA THR A 499 -14.75 9.09 -4.89
C THR A 499 -13.78 8.63 -3.78
N GLU A 500 -13.67 9.45 -2.73
CA GLU A 500 -12.84 9.11 -1.58
C GLU A 500 -13.48 7.98 -0.73
N GLU A 501 -14.77 7.62 -1.01
CA GLU A 501 -15.53 6.60 -0.28
C GLU A 501 -16.00 5.40 -1.13
N SER A 502 -16.49 5.65 -2.35
CA SER A 502 -17.01 4.58 -3.20
C SER A 502 -16.78 4.88 -4.69
N PHE A 503 -17.06 3.89 -5.54
CA PHE A 503 -16.97 4.12 -6.98
C PHE A 503 -18.25 3.71 -7.68
N PHE A 504 -18.60 4.43 -8.75
CA PHE A 504 -19.80 4.15 -9.55
C PHE A 504 -19.43 3.83 -11.00
N ILE A 505 -20.08 2.81 -11.56
CA ILE A 505 -19.95 2.41 -12.96
C ILE A 505 -21.21 2.89 -13.65
N LEU A 506 -21.04 3.70 -14.69
CA LEU A 506 -22.17 4.25 -15.44
C LEU A 506 -22.05 3.97 -16.92
N LYS A 507 -23.19 3.71 -17.55
CA LYS A 507 -23.28 3.58 -19.00
C LYS A 507 -23.59 4.98 -19.55
N TYR A 508 -22.77 5.46 -20.50
CA TYR A 508 -23.03 6.74 -21.15
C TYR A 508 -23.79 6.43 -22.43
N LEU A 509 -25.00 7.01 -22.57
CA LEU A 509 -25.89 6.78 -23.73
C LEU A 509 -25.81 7.97 -24.71
N SER A 510 -24.83 7.95 -25.63
CA SER A 510 -24.58 9.01 -26.63
C SER A 510 -25.77 9.32 -27.57
N GLU A 511 -26.62 8.29 -27.87
CA GLU A 511 -27.82 8.42 -28.74
C GLU A 511 -28.83 9.37 -28.09
N LYS A 512 -29.07 9.22 -26.77
CA LYS A 512 -29.94 10.07 -25.97
C LYS A 512 -29.48 11.56 -25.98
N VAL A 513 -28.15 11.77 -26.03
CA VAL A 513 -27.51 13.10 -26.08
C VAL A 513 -27.72 13.73 -27.45
N LEU A 514 -27.43 12.95 -28.52
CA LEU A 514 -27.57 13.37 -29.93
C LEU A 514 -29.00 13.79 -30.23
N ALA A 515 -30.00 13.06 -29.70
CA ALA A 515 -31.43 13.32 -29.86
C ALA A 515 -31.83 14.65 -29.19
N ALA A 516 -31.46 14.83 -27.90
CA ALA A 516 -31.74 16.04 -27.12
C ALA A 516 -30.95 17.25 -27.65
N GLN A 517 -29.82 16.98 -28.36
CA GLN A 517 -28.99 18.03 -28.99
C GLN A 517 -29.75 18.67 -30.15
N GLU A 518 -30.78 17.96 -30.69
CA GLU A 518 -31.64 18.44 -31.77
C GLU A 518 -33.06 18.75 -31.27
N THR A 519 -33.81 17.71 -30.79
CA THR A 519 -35.20 17.76 -30.34
C THR A 519 -35.46 18.59 -29.06
N HIS A 520 -34.42 18.83 -28.22
CA HIS A 520 -34.46 19.61 -26.97
C HIS A 520 -35.47 19.07 -25.95
N GLY A 522 -35.62 16.43 -22.95
CA GLY A 522 -35.30 16.52 -21.53
C GLY A 522 -33.99 17.23 -21.23
N VAL A 523 -34.00 18.59 -21.32
CA VAL A 523 -32.82 19.46 -21.09
C VAL A 523 -33.08 20.46 -19.92
N THR A 524 -32.56 20.16 -18.72
CA THR A 524 -32.72 21.00 -17.53
C THR A 524 -31.45 21.87 -17.33
N GLU A 525 -31.23 22.40 -16.11
CA GLU A 525 -30.03 23.18 -15.76
C GLU A 525 -28.88 22.22 -15.38
N ASP A 526 -29.15 20.90 -15.50
CA ASP A 526 -28.21 19.81 -15.20
C ASP A 526 -27.89 18.95 -16.43
N GLY A 527 -28.26 19.45 -17.62
CA GLY A 527 -28.03 18.82 -18.91
C GLY A 527 -29.14 17.91 -19.39
N ILE A 528 -28.75 16.89 -20.18
CA ILE A 528 -29.62 15.87 -20.80
C ILE A 528 -30.11 14.86 -19.74
N GLU A 529 -31.44 14.63 -19.69
CA GLU A 529 -32.14 13.75 -18.74
C GLU A 529 -31.55 12.32 -18.61
N ASP A 530 -31.87 11.44 -19.57
CA ASP A 530 -31.49 10.03 -19.58
C ASP A 530 -30.11 9.76 -20.27
N ALA A 531 -29.17 10.74 -20.18
CA ALA A 531 -27.81 10.73 -20.74
C ALA A 531 -26.88 9.61 -20.18
N PHE A 532 -26.92 9.39 -18.85
CA PHE A 532 -26.17 8.38 -18.11
C PHE A 532 -27.12 7.48 -17.33
N GLU A 533 -26.71 6.21 -17.17
CA GLU A 533 -27.43 5.19 -16.43
C GLU A 533 -26.48 4.55 -15.44
N VAL A 534 -26.83 4.62 -14.14
CA VAL A 534 -26.06 4.00 -13.06
C VAL A 534 -26.22 2.48 -13.13
N LEU A 535 -25.11 1.76 -13.41
CA LEU A 535 -25.12 0.29 -13.51
C LEU A 535 -24.70 -0.40 -12.20
N GLY A 536 -24.06 0.35 -11.32
CA GLY A 536 -23.59 -0.14 -10.03
C GLY A 536 -22.71 0.82 -9.25
N GLU A 537 -22.73 0.68 -7.92
CA GLU A 537 -21.91 1.37 -6.93
C GLU A 537 -21.19 0.32 -6.06
N ILE A 538 -19.87 0.52 -5.86
CA ILE A 538 -18.99 -0.37 -5.09
C ILE A 538 -18.34 0.39 -3.93
N GLN A 539 -18.52 -0.13 -2.71
CA GLN A 539 -17.98 0.44 -1.48
C GLN A 539 -16.49 0.15 -1.35
N GLU A 540 -15.69 0.69 -2.29
CA GLU A 540 -14.24 0.57 -2.34
C GLU A 540 -13.60 1.88 -2.78
N ILE A 541 -12.33 2.09 -2.40
CA ILE A 541 -11.62 3.31 -2.75
C ILE A 541 -10.57 3.00 -3.86
N VAL A 542 -10.82 3.50 -5.07
CA VAL A 542 -9.95 3.35 -6.25
C VAL A 542 -8.72 4.28 -6.17
N LYS A 543 -7.53 3.69 -6.33
CA LYS A 543 -6.28 4.44 -6.32
C LYS A 543 -5.77 4.70 -7.73
N THR A 544 -5.68 3.64 -8.55
CA THR A 544 -5.28 3.69 -9.97
C THR A 544 -6.28 2.80 -10.68
N GLY A 545 -6.43 2.98 -11.99
CA GLY A 545 -7.39 2.18 -12.72
C GLY A 545 -7.27 2.26 -14.22
N LEU A 546 -7.89 1.31 -14.93
CA LEU A 546 -7.94 1.23 -16.39
C LEU A 546 -8.99 0.26 -16.83
N TRP A 547 -9.51 0.50 -18.03
CA TRP A 547 -10.51 -0.39 -18.60
C TRP A 547 -9.88 -1.27 -19.64
N VAL A 548 -10.27 -2.55 -19.63
CA VAL A 548 -9.94 -3.56 -20.63
C VAL A 548 -11.30 -4.06 -21.08
N GLY A 549 -11.79 -3.53 -22.21
CA GLY A 549 -13.11 -3.86 -22.73
C GLY A 549 -14.16 -3.32 -21.78
N ASP A 550 -15.02 -4.22 -21.24
CA ASP A 550 -16.09 -3.88 -20.31
C ASP A 550 -15.73 -4.16 -18.83
N CYS A 551 -14.45 -4.49 -18.57
CA CYS A 551 -13.88 -4.73 -17.24
C CYS A 551 -13.05 -3.54 -16.78
N PHE A 552 -13.42 -3.00 -15.60
CA PHE A 552 -12.69 -1.91 -14.97
C PHE A 552 -11.74 -2.50 -13.92
N ILE A 553 -10.42 -2.41 -14.18
CA ILE A 553 -9.36 -2.92 -13.30
C ILE A 553 -8.83 -1.77 -12.45
N TYR A 554 -8.63 -2.03 -11.16
CA TYR A 554 -8.17 -0.99 -10.25
C TYR A 554 -7.35 -1.51 -9.10
N THR A 555 -6.58 -0.61 -8.48
CA THR A 555 -5.88 -0.91 -7.22
C THR A 555 -6.73 -0.19 -6.13
N SER A 556 -7.08 -0.91 -5.03
CA SER A 556 -7.86 -0.31 -3.93
C SER A 556 -6.97 0.30 -2.85
N SER A 557 -7.58 0.97 -1.85
CA SER A 557 -6.87 1.58 -0.71
C SER A 557 -6.29 0.50 0.22
N VAL A 558 -6.94 -0.70 0.24
CA VAL A 558 -6.51 -1.85 1.04
C VAL A 558 -5.51 -2.75 0.27
N ASN A 559 -4.82 -2.16 -0.73
CA ASN A 559 -3.79 -2.76 -1.60
C ASN A 559 -4.24 -3.95 -2.39
N ARG A 560 -5.55 -4.11 -2.65
CA ARG A 560 -6.04 -5.20 -3.51
C ARG A 560 -5.98 -4.75 -4.99
N LEU A 561 -5.76 -5.72 -5.90
CA LEU A 561 -5.78 -5.53 -7.34
C LEU A 561 -7.05 -6.29 -7.78
N ASN A 562 -8.10 -5.54 -8.07
CA ASN A 562 -9.41 -6.10 -8.43
C ASN A 562 -9.89 -5.67 -9.80
N TYR A 563 -11.04 -6.21 -10.18
CA TYR A 563 -11.74 -5.77 -11.38
C TYR A 563 -13.22 -5.95 -11.24
N TYR A 564 -13.95 -4.98 -11.79
CA TYR A 564 -15.40 -4.99 -11.83
C TYR A 564 -15.80 -5.58 -13.18
N VAL A 565 -16.79 -6.48 -13.18
CA VAL A 565 -17.36 -7.07 -14.39
C VAL A 565 -18.84 -7.44 -14.14
N GLY A 566 -19.73 -6.72 -14.82
CA GLY A 566 -21.18 -6.88 -14.75
C GLY A 566 -21.76 -6.89 -13.35
N GLY A 567 -21.27 -5.99 -12.49
CA GLY A 567 -21.72 -5.88 -11.11
C GLY A 567 -20.88 -6.63 -10.09
N GLU A 568 -20.08 -7.62 -10.55
CA GLU A 568 -19.23 -8.44 -9.68
C GLU A 568 -17.80 -7.92 -9.54
N ILE A 569 -17.22 -8.15 -8.36
CA ILE A 569 -15.84 -7.76 -8.05
C ILE A 569 -15.00 -9.02 -7.94
N VAL A 570 -14.04 -9.16 -8.85
CA VAL A 570 -13.13 -10.30 -8.89
C VAL A 570 -11.76 -9.82 -8.33
N THR A 571 -11.11 -10.63 -7.49
CA THR A 571 -9.82 -10.25 -6.93
C THR A 571 -8.72 -10.95 -7.72
N ILE A 572 -7.72 -10.18 -8.20
CA ILE A 572 -6.55 -10.73 -8.91
C ILE A 572 -5.45 -11.03 -7.87
N ALA A 573 -5.15 -10.07 -7.01
CA ALA A 573 -4.07 -10.17 -6.05
C ALA A 573 -4.20 -9.18 -4.89
N HIS A 574 -3.55 -9.48 -3.73
CA HIS A 574 -3.38 -8.54 -2.62
C HIS A 574 -1.86 -8.21 -2.67
N LEU A 575 -1.54 -6.97 -2.95
CA LEU A 575 -0.17 -6.53 -3.16
C LEU A 575 0.63 -6.25 -1.89
N ASP A 576 1.95 -6.57 -1.93
CA ASP A 576 2.94 -6.36 -0.85
C ASP A 576 3.10 -4.87 -0.48
N ARG A 577 3.04 -3.98 -1.50
CA ARG A 577 3.24 -2.55 -1.33
C ARG A 577 2.26 -1.75 -2.20
N THR A 578 2.35 -0.42 -2.10
CA THR A 578 1.61 0.49 -2.94
C THR A 578 2.17 0.28 -4.37
N MET A 579 1.22 0.01 -5.28
CA MET A 579 1.51 -0.27 -6.69
C MET A 579 0.60 0.57 -7.57
N TYR A 580 1.07 0.89 -8.76
CA TYR A 580 0.35 1.75 -9.69
C TYR A 580 0.15 1.07 -11.03
N LEU A 581 -1.13 0.91 -11.44
CA LEU A 581 -1.45 0.33 -12.75
C LEU A 581 -0.85 1.17 -13.87
N LEU A 582 -0.08 0.51 -14.74
CA LEU A 582 0.58 1.17 -15.90
C LEU A 582 -0.14 0.94 -17.18
N GLY A 583 -0.52 -0.29 -17.44
CA GLY A 583 -1.22 -0.66 -18.67
C GLY A 583 -1.48 -2.14 -18.77
N TYR A 584 -2.15 -2.55 -19.85
CA TYR A 584 -2.48 -3.91 -20.18
C TYR A 584 -2.10 -4.11 -21.63
N ILE A 585 -1.27 -5.15 -21.92
CA ILE A 585 -0.85 -5.48 -23.28
C ILE A 585 -1.60 -6.74 -23.67
N PRO A 586 -2.64 -6.61 -24.55
CA PRO A 586 -3.44 -7.79 -24.93
C PRO A 586 -2.65 -8.98 -25.49
N LYS A 587 -1.60 -8.73 -26.32
CA LYS A 587 -0.78 -9.79 -26.93
C LYS A 587 -0.09 -10.65 -25.85
N ASP A 588 0.29 -10.02 -24.71
CA ASP A 588 0.90 -10.73 -23.58
C ASP A 588 -0.16 -11.23 -22.57
N ASN A 589 -1.45 -10.78 -22.71
CA ASN A 589 -2.55 -11.07 -21.79
C ASN A 589 -2.03 -10.74 -20.38
N ARG A 590 -1.45 -9.53 -20.26
CA ARG A 590 -0.75 -9.14 -19.08
C ARG A 590 -0.98 -7.69 -18.67
N LEU A 591 -1.21 -7.53 -17.39
CA LEU A 591 -1.43 -6.28 -16.68
C LEU A 591 -0.10 -5.86 -16.07
N TYR A 592 0.28 -4.60 -16.19
CA TYR A 592 1.53 -4.06 -15.64
C TYR A 592 1.34 -3.02 -14.58
N LEU A 593 2.21 -3.05 -13.59
CA LEU A 593 2.22 -2.15 -12.44
C LEU A 593 3.62 -1.72 -12.11
N GLY A 594 3.72 -0.56 -11.47
CA GLY A 594 5.01 -0.09 -11.01
C GLY A 594 4.94 0.35 -9.57
N ASP A 595 6.11 0.44 -8.91
CA ASP A 595 6.22 0.95 -7.53
C ASP A 595 7.05 2.22 -7.56
N LYS A 596 7.20 2.87 -6.38
CA LYS A 596 7.97 4.11 -6.22
C LYS A 596 9.44 4.01 -6.70
N GLU A 597 10.02 2.80 -6.64
CA GLU A 597 11.39 2.48 -7.04
C GLU A 597 11.50 2.18 -8.55
N LEU A 598 10.40 2.41 -9.31
CA LEU A 598 10.29 2.19 -10.76
C LEU A 598 10.47 0.73 -11.18
N ASN A 599 10.31 -0.22 -10.24
CA ASN A 599 10.36 -1.66 -10.56
C ASN A 599 9.01 -1.98 -11.22
N ILE A 600 9.03 -2.85 -12.24
CA ILE A 600 7.82 -3.21 -12.97
C ILE A 600 7.41 -4.64 -12.62
N ILE A 601 6.15 -4.82 -12.14
CA ILE A 601 5.58 -6.16 -11.90
C ILE A 601 4.43 -6.42 -12.92
N SER A 602 3.95 -7.67 -12.99
CA SER A 602 2.89 -8.06 -13.90
C SER A 602 1.98 -9.15 -13.34
N TYR A 603 0.79 -9.28 -13.92
CA TYR A 603 -0.20 -10.32 -13.59
C TYR A 603 -0.92 -10.70 -14.87
N SER A 604 -1.06 -11.99 -15.12
CA SER A 604 -1.78 -12.44 -16.31
C SER A 604 -3.28 -12.26 -16.11
N LEU A 605 -3.97 -11.90 -17.21
CA LEU A 605 -5.39 -11.64 -17.26
C LEU A 605 -5.87 -12.17 -18.60
N LEU A 606 -6.75 -13.18 -18.57
CA LEU A 606 -7.25 -13.85 -19.78
C LEU A 606 -8.49 -13.17 -20.35
N PRO B 20 -13.82 -9.15 10.46
CA PRO B 20 -13.99 -10.13 9.38
C PRO B 20 -12.66 -10.57 8.73
N LEU B 21 -12.66 -11.77 8.07
CA LEU B 21 -11.51 -12.40 7.42
C LEU B 21 -11.02 -11.59 6.24
N ARG B 22 -9.71 -11.57 6.03
CA ARG B 22 -9.05 -10.86 4.92
C ARG B 22 -8.14 -11.89 4.23
N LEU B 23 -8.75 -12.82 3.49
CA LEU B 23 -8.01 -13.88 2.78
C LEU B 23 -7.19 -13.38 1.63
N ASP B 24 -5.98 -13.88 1.51
CA ASP B 24 -5.06 -13.59 0.41
C ASP B 24 -4.96 -14.90 -0.38
N ILE B 25 -5.50 -14.92 -1.57
CA ILE B 25 -5.51 -16.12 -2.41
C ILE B 25 -4.42 -16.01 -3.47
N LYS B 26 -3.47 -16.96 -3.45
CA LYS B 26 -2.37 -16.99 -4.42
C LYS B 26 -2.37 -18.32 -5.19
N ARG B 27 -1.97 -18.26 -6.44
CA ARG B 27 -1.89 -19.44 -7.30
C ARG B 27 -0.63 -20.22 -6.94
N LYS B 28 -0.74 -21.54 -6.82
CA LYS B 28 0.35 -22.44 -6.48
C LYS B 28 0.69 -23.33 -7.68
N LEU B 29 -0.32 -23.70 -8.49
CA LEU B 29 -0.16 -24.59 -9.66
C LEU B 29 -1.27 -24.27 -10.65
N THR B 30 -0.91 -24.21 -11.93
CA THR B 30 -1.82 -24.01 -13.04
C THR B 30 -1.48 -25.14 -13.99
N ALA B 31 -2.38 -26.12 -14.11
CA ALA B 31 -2.17 -27.25 -15.01
C ALA B 31 -3.22 -27.28 -16.11
N ARG B 32 -2.91 -26.62 -17.25
CA ARG B 32 -3.79 -26.62 -18.45
C ARG B 32 -3.90 -28.06 -18.97
N SER B 33 -5.12 -28.46 -19.35
CA SER B 33 -5.42 -29.81 -19.84
C SER B 33 -6.86 -29.82 -20.37
N ASP B 34 -7.39 -31.01 -20.70
CA ASP B 34 -8.78 -31.19 -21.10
C ASP B 34 -9.64 -31.12 -19.81
N ARG B 35 -10.98 -31.03 -19.98
CA ARG B 35 -11.97 -30.96 -18.91
C ARG B 35 -11.63 -31.80 -17.70
N VAL B 36 -11.48 -31.14 -16.55
CA VAL B 36 -11.23 -31.81 -15.29
C VAL B 36 -12.59 -32.05 -14.64
N LYS B 37 -12.88 -33.32 -14.26
CA LYS B 37 -14.15 -33.74 -13.67
C LYS B 37 -14.09 -33.90 -12.19
N SER B 38 -12.93 -34.35 -11.68
CA SER B 38 -12.68 -34.49 -10.25
C SER B 38 -11.23 -34.13 -9.89
N VAL B 39 -10.99 -33.72 -8.63
CA VAL B 39 -9.66 -33.38 -8.11
C VAL B 39 -9.57 -33.97 -6.71
N ASP B 40 -8.37 -34.29 -6.27
CA ASP B 40 -8.14 -34.83 -4.92
C ASP B 40 -6.77 -34.42 -4.48
N LEU B 41 -6.59 -34.19 -3.18
CA LEU B 41 -5.29 -33.83 -2.61
C LEU B 41 -4.77 -34.96 -1.75
N HIS B 42 -3.48 -35.32 -1.86
CA HIS B 42 -2.89 -36.39 -1.05
C HIS B 42 -2.63 -35.92 0.40
N PRO B 43 -2.98 -36.75 1.42
CA PRO B 43 -2.78 -36.30 2.82
C PRO B 43 -1.32 -36.16 3.29
N THR B 44 -0.38 -36.94 2.74
CA THR B 44 1.02 -36.87 3.20
C THR B 44 2.06 -36.47 2.13
N GLU B 45 1.78 -36.69 0.85
CA GLU B 45 2.68 -36.27 -0.22
C GLU B 45 2.13 -34.98 -0.77
N PRO B 46 2.97 -34.05 -1.30
CA PRO B 46 2.41 -32.80 -1.86
C PRO B 46 1.81 -33.04 -3.26
N TRP B 47 0.80 -33.92 -3.35
CA TRP B 47 0.18 -34.31 -4.62
C TRP B 47 -1.27 -33.90 -4.81
N MET B 48 -1.60 -33.64 -6.08
CA MET B 48 -2.93 -33.38 -6.55
C MET B 48 -3.20 -34.33 -7.70
N LEU B 49 -4.34 -35.00 -7.58
CA LEU B 49 -4.87 -35.90 -8.56
C LEU B 49 -5.96 -35.13 -9.32
N ALA B 50 -6.09 -35.41 -10.61
CA ALA B 50 -7.09 -34.83 -11.50
C ALA B 50 -7.57 -35.93 -12.46
N SER B 51 -8.89 -36.20 -12.49
CA SER B 51 -9.48 -37.14 -13.44
C SER B 51 -10.05 -36.32 -14.64
N LEU B 52 -9.70 -36.74 -15.86
CA LEU B 52 -10.03 -36.04 -17.09
C LEU B 52 -11.14 -36.66 -17.91
N TYR B 53 -11.79 -35.82 -18.73
CA TYR B 53 -12.87 -36.22 -19.64
C TYR B 53 -12.31 -37.14 -20.76
N ASN B 54 -10.98 -37.13 -21.00
CA ASN B 54 -10.33 -37.92 -22.04
C ASN B 54 -9.88 -39.31 -21.55
N GLY B 55 -10.37 -39.72 -20.40
CA GLY B 55 -10.06 -41.04 -19.85
C GLY B 55 -8.76 -41.22 -19.12
N SER B 56 -8.02 -40.12 -18.86
CA SER B 56 -6.76 -40.18 -18.13
C SER B 56 -6.90 -39.57 -16.73
N VAL B 57 -6.02 -39.99 -15.81
CA VAL B 57 -5.93 -39.53 -14.42
C VAL B 57 -4.47 -39.15 -14.21
N CYS B 58 -4.24 -37.86 -13.90
CA CYS B 58 -2.94 -37.22 -13.70
C CYS B 58 -2.63 -36.92 -12.24
N VAL B 59 -1.35 -37.06 -11.85
CA VAL B 59 -0.88 -36.72 -10.51
C VAL B 59 0.19 -35.66 -10.66
N TRP B 60 -0.06 -34.51 -10.03
CA TRP B 60 0.85 -33.38 -10.00
C TRP B 60 1.35 -33.19 -8.60
N ASN B 61 2.64 -32.94 -8.49
CA ASN B 61 3.29 -32.60 -7.24
C ASN B 61 3.22 -31.08 -7.26
N HIS B 62 2.45 -30.50 -6.33
CA HIS B 62 2.27 -29.06 -6.28
C HIS B 62 3.43 -28.31 -5.59
N GLU B 63 4.41 -29.02 -4.97
CA GLU B 63 5.59 -28.33 -4.39
C GLU B 63 6.59 -28.05 -5.51
N THR B 64 6.73 -29.00 -6.42
CA THR B 64 7.67 -28.87 -7.53
C THR B 64 7.02 -28.36 -8.82
N GLN B 65 5.67 -28.40 -8.94
CA GLN B 65 4.97 -27.95 -10.15
C GLN B 65 5.35 -28.91 -11.30
N THR B 66 5.35 -30.23 -10.98
CA THR B 66 5.70 -31.31 -11.92
C THR B 66 4.57 -32.35 -12.04
N LEU B 67 4.26 -32.80 -13.27
CA LEU B 67 3.33 -33.88 -13.55
C LEU B 67 4.16 -35.13 -13.23
N VAL B 68 3.87 -35.80 -12.11
CA VAL B 68 4.68 -36.93 -11.61
C VAL B 68 4.14 -38.30 -12.08
N LYS B 69 2.83 -38.43 -12.29
CA LYS B 69 2.20 -39.71 -12.73
C LYS B 69 1.06 -39.46 -13.68
N THR B 70 0.87 -40.38 -14.61
CA THR B 70 -0.26 -40.45 -15.54
C THR B 70 -0.73 -41.90 -15.54
N PHE B 71 -2.03 -42.10 -15.34
CA PHE B 71 -2.60 -43.43 -15.42
C PHE B 71 -3.58 -43.36 -16.58
N GLU B 72 -3.43 -44.25 -17.56
CA GLU B 72 -4.34 -44.35 -18.68
C GLU B 72 -5.41 -45.29 -18.18
N VAL B 73 -6.58 -44.74 -17.81
CA VAL B 73 -7.67 -45.52 -17.25
C VAL B 73 -8.48 -46.20 -18.38
N CYS B 74 -9.08 -45.40 -19.27
CA CYS B 74 -9.88 -45.88 -20.40
C CYS B 74 -9.99 -44.77 -21.43
N ASP B 75 -10.95 -44.91 -22.36
CA ASP B 75 -11.18 -43.94 -23.44
C ASP B 75 -12.34 -43.01 -23.15
N LEU B 76 -13.27 -43.44 -22.26
CA LEU B 76 -14.43 -42.65 -21.82
C LEU B 76 -14.07 -41.70 -20.67
N PRO B 77 -14.88 -40.62 -20.38
CA PRO B 77 -14.61 -39.78 -19.19
C PRO B 77 -14.47 -40.53 -17.87
N VAL B 78 -13.60 -40.04 -16.99
CA VAL B 78 -13.35 -40.56 -15.65
C VAL B 78 -13.85 -39.46 -14.72
N ARG B 79 -15.09 -39.60 -14.25
CA ARG B 79 -15.71 -38.58 -13.42
C ARG B 79 -15.29 -38.66 -11.98
N ALA B 80 -14.65 -39.77 -11.57
CA ALA B 80 -14.26 -39.95 -10.18
C ALA B 80 -12.90 -40.58 -10.02
N ALA B 81 -12.08 -39.98 -9.18
CA ALA B 81 -10.75 -40.50 -8.85
C ALA B 81 -10.40 -40.05 -7.43
N LYS B 82 -9.95 -41.00 -6.57
CA LYS B 82 -9.58 -40.74 -5.19
C LYS B 82 -8.28 -41.47 -4.78
N PHE B 83 -7.54 -40.91 -3.85
CA PHE B 83 -6.38 -41.57 -3.28
C PHE B 83 -6.86 -42.39 -2.09
N VAL B 84 -6.28 -43.60 -1.90
CA VAL B 84 -6.41 -44.40 -0.69
C VAL B 84 -4.96 -44.45 -0.20
N ALA B 85 -4.57 -43.45 0.59
CA ALA B 85 -3.20 -43.26 1.06
C ALA B 85 -2.65 -44.40 1.91
N ARG B 86 -3.51 -45.02 2.76
CA ARG B 86 -3.11 -46.13 3.62
C ARG B 86 -2.82 -47.40 2.78
N LYS B 87 -3.21 -47.39 1.49
CA LYS B 87 -3.01 -48.53 0.61
C LYS B 87 -2.12 -48.21 -0.61
N ASN B 88 -1.61 -46.97 -0.71
CA ASN B 88 -0.78 -46.48 -1.82
C ASN B 88 -1.49 -46.67 -3.15
N TRP B 89 -2.79 -46.32 -3.17
CA TRP B 89 -3.67 -46.44 -4.32
C TRP B 89 -4.26 -45.14 -4.83
N VAL B 90 -4.80 -45.26 -6.06
CA VAL B 90 -5.65 -44.33 -6.79
C VAL B 90 -6.82 -45.20 -7.22
N VAL B 91 -8.06 -44.85 -6.82
CA VAL B 91 -9.27 -45.59 -7.19
C VAL B 91 -10.06 -44.72 -8.18
N THR B 92 -10.37 -45.29 -9.36
CA THR B 92 -11.05 -44.57 -10.45
C THR B 92 -12.39 -45.22 -10.81
N GLY B 93 -13.31 -44.40 -11.29
CA GLY B 93 -14.65 -44.78 -11.75
C GLY B 93 -14.93 -44.07 -13.05
N ALA B 94 -15.24 -44.82 -14.11
CA ALA B 94 -15.42 -44.24 -15.43
C ALA B 94 -16.80 -44.41 -16.02
N ASP B 95 -17.04 -43.75 -17.18
CA ASP B 95 -18.31 -43.78 -17.90
C ASP B 95 -18.60 -45.15 -18.52
N ASP B 96 -17.58 -46.05 -18.54
CA ASP B 96 -17.69 -47.43 -19.04
C ASP B 96 -18.08 -48.39 -17.92
N MET B 97 -18.51 -47.82 -16.76
CA MET B 97 -19.07 -48.48 -15.57
C MET B 97 -18.09 -49.32 -14.75
N GLN B 98 -16.80 -49.19 -15.07
CA GLN B 98 -15.71 -49.88 -14.38
C GLN B 98 -15.05 -49.02 -13.28
N ILE B 99 -14.57 -49.71 -12.22
CA ILE B 99 -13.75 -49.24 -11.11
C ILE B 99 -12.36 -49.85 -11.33
N ARG B 100 -11.33 -49.01 -11.41
CA ARG B 100 -9.96 -49.48 -11.61
C ARG B 100 -9.11 -48.94 -10.49
N VAL B 101 -8.33 -49.83 -9.86
CA VAL B 101 -7.48 -49.50 -8.74
C VAL B 101 -6.03 -49.53 -9.21
N PHE B 102 -5.28 -48.45 -8.97
CA PHE B 102 -3.88 -48.37 -9.39
C PHE B 102 -2.99 -48.15 -8.21
N ASN B 103 -1.86 -48.89 -8.17
CA ASN B 103 -0.82 -48.68 -7.17
C ASN B 103 -0.05 -47.46 -7.73
N TYR B 104 -0.05 -46.33 -7.01
CA TYR B 104 0.63 -45.16 -7.55
C TYR B 104 2.18 -45.26 -7.46
N ASN B 105 2.73 -46.27 -6.81
CA ASN B 105 4.19 -46.42 -6.75
C ASN B 105 4.71 -47.15 -7.99
N THR B 106 4.15 -48.31 -8.28
CA THR B 106 4.52 -49.19 -9.39
C THR B 106 3.81 -48.84 -10.71
N LEU B 107 2.66 -48.11 -10.61
CA LEU B 107 1.80 -47.65 -11.71
C LEU B 107 0.96 -48.80 -12.31
N GLU B 108 1.04 -49.98 -11.68
CA GLU B 108 0.29 -51.15 -12.07
C GLU B 108 -1.18 -51.03 -11.69
N ARG B 109 -2.07 -51.61 -12.52
CA ARG B 109 -3.48 -51.67 -12.22
C ARG B 109 -3.69 -52.91 -11.35
N VAL B 110 -3.86 -52.69 -10.04
CA VAL B 110 -4.00 -53.71 -9.00
C VAL B 110 -5.32 -54.50 -9.14
N HIS B 111 -6.44 -53.81 -9.44
CA HIS B 111 -7.73 -54.46 -9.60
C HIS B 111 -8.65 -53.71 -10.55
N MET B 112 -9.64 -54.42 -11.10
CA MET B 112 -10.66 -53.90 -11.99
C MET B 112 -11.93 -54.75 -11.83
N PHE B 113 -13.10 -54.09 -11.80
CA PHE B 113 -14.42 -54.74 -11.66
C PHE B 113 -15.54 -53.82 -12.17
N GLU B 114 -16.61 -54.40 -12.73
CA GLU B 114 -17.77 -53.66 -13.24
C GLU B 114 -18.63 -53.35 -12.03
N ALA B 115 -18.82 -52.06 -11.76
CA ALA B 115 -19.54 -51.62 -10.56
C ALA B 115 -21.00 -51.21 -10.78
N HIS B 116 -21.33 -50.64 -11.95
CA HIS B 116 -22.66 -50.09 -12.18
C HIS B 116 -23.19 -50.38 -13.55
N SER B 117 -24.47 -50.06 -13.77
CA SER B 117 -25.11 -50.30 -15.07
C SER B 117 -25.20 -49.01 -15.92
N ASP B 118 -24.80 -47.86 -15.34
CA ASP B 118 -24.67 -46.57 -16.02
C ASP B 118 -23.43 -45.82 -15.48
N TYR B 119 -23.15 -44.59 -15.98
CA TYR B 119 -21.97 -43.78 -15.61
C TYR B 119 -21.73 -43.71 -14.10
N ILE B 120 -20.47 -43.89 -13.69
CA ILE B 120 -20.08 -43.73 -12.29
C ILE B 120 -19.85 -42.22 -12.13
N ARG B 121 -20.54 -41.61 -11.17
CA ARG B 121 -20.42 -40.17 -10.93
C ARG B 121 -19.45 -39.77 -9.81
N CYS B 122 -19.30 -40.63 -8.79
CA CYS B 122 -18.54 -40.26 -7.59
C CYS B 122 -18.02 -41.48 -6.85
N ILE B 123 -16.94 -41.30 -6.10
CA ILE B 123 -16.30 -42.26 -5.19
C ILE B 123 -16.02 -41.55 -3.85
N ALA B 124 -16.33 -42.21 -2.70
CA ALA B 124 -15.99 -41.72 -1.35
C ALA B 124 -15.25 -42.84 -0.64
N VAL B 125 -14.07 -42.53 -0.10
CA VAL B 125 -13.22 -43.49 0.60
C VAL B 125 -13.48 -43.40 2.10
N HIS B 126 -13.82 -44.54 2.73
CA HIS B 126 -14.06 -44.57 4.16
C HIS B 126 -12.76 -44.20 4.91
N PRO B 127 -12.75 -43.31 5.93
CA PRO B 127 -11.47 -42.93 6.56
C PRO B 127 -10.84 -43.99 7.49
N THR B 128 -11.62 -44.94 8.02
CA THR B 128 -11.13 -45.94 8.96
C THR B 128 -11.37 -47.41 8.53
N GLN B 129 -12.43 -47.69 7.76
CA GLN B 129 -12.73 -49.07 7.34
C GLN B 129 -12.32 -49.37 5.88
N PRO B 130 -12.03 -50.65 5.50
CA PRO B 130 -11.64 -50.96 4.11
C PRO B 130 -12.74 -50.84 3.05
N PHE B 131 -13.36 -49.65 2.91
CA PHE B 131 -14.43 -49.47 1.94
C PHE B 131 -14.35 -48.23 1.11
N ILE B 132 -14.91 -48.31 -0.10
CA ILE B 132 -15.21 -47.24 -1.03
C ILE B 132 -16.72 -47.29 -1.31
N LEU B 133 -17.38 -46.11 -1.40
CA LEU B 133 -18.77 -45.97 -1.80
C LEU B 133 -18.71 -45.43 -3.22
N THR B 134 -19.57 -45.89 -4.13
CA THR B 134 -19.65 -45.40 -5.53
C THR B 134 -21.09 -45.07 -5.84
N SER B 135 -21.31 -43.99 -6.60
CA SER B 135 -22.64 -43.52 -6.97
C SER B 135 -22.71 -43.46 -8.50
N SER B 136 -23.92 -43.55 -9.07
CA SER B 136 -24.05 -43.69 -10.49
C SER B 136 -25.34 -43.13 -11.06
N ASP B 137 -25.35 -43.03 -12.41
CA ASP B 137 -26.54 -42.65 -13.15
C ASP B 137 -27.61 -43.74 -13.05
N ASP B 138 -27.23 -44.97 -12.63
CA ASP B 138 -28.15 -46.10 -12.48
C ASP B 138 -29.02 -45.93 -11.21
N MET B 139 -28.88 -44.75 -10.54
CA MET B 139 -29.61 -44.31 -9.33
C MET B 139 -29.17 -45.04 -8.05
N LEU B 140 -28.14 -45.87 -8.16
CA LEU B 140 -27.68 -46.60 -6.99
C LEU B 140 -26.39 -46.06 -6.36
N ILE B 141 -26.22 -46.33 -5.07
CA ILE B 141 -24.98 -46.09 -4.31
C ILE B 141 -24.58 -47.51 -3.86
N LYS B 142 -23.33 -47.90 -4.08
CA LYS B 142 -22.84 -49.21 -3.68
C LYS B 142 -21.64 -49.08 -2.78
N LEU B 143 -21.48 -50.06 -1.85
CA LEU B 143 -20.39 -50.16 -0.90
C LEU B 143 -19.53 -51.35 -1.29
N TRP B 144 -18.22 -51.16 -1.33
CA TRP B 144 -17.30 -52.25 -1.70
C TRP B 144 -16.24 -52.44 -0.65
N ASP B 145 -15.94 -53.71 -0.29
CA ASP B 145 -14.96 -54.06 0.71
C ASP B 145 -13.69 -54.57 0.03
N TRP B 146 -12.60 -53.78 0.09
CA TRP B 146 -11.35 -54.15 -0.55
C TRP B 146 -10.55 -55.25 0.20
N ASP B 147 -10.94 -55.56 1.47
CA ASP B 147 -10.33 -56.63 2.32
C ASP B 147 -11.06 -57.95 2.09
N LYS B 148 -12.17 -57.89 1.33
CA LYS B 148 -13.03 -59.00 0.98
C LYS B 148 -13.13 -59.13 -0.56
N LYS B 149 -12.00 -58.87 -1.26
CA LYS B 149 -11.86 -58.94 -2.74
C LYS B 149 -12.90 -58.07 -3.49
N TRP B 150 -13.02 -56.78 -3.06
CA TRP B 150 -13.92 -55.78 -3.65
C TRP B 150 -15.34 -56.30 -3.87
N SER B 151 -15.81 -57.04 -2.84
CA SER B 151 -17.14 -57.60 -2.80
C SER B 151 -18.16 -56.50 -2.50
N CYS B 152 -19.36 -56.59 -3.09
CA CYS B 152 -20.40 -55.62 -2.82
C CYS B 152 -21.04 -55.93 -1.49
N SER B 153 -20.72 -55.12 -0.47
CA SER B 153 -21.22 -55.27 0.88
C SER B 153 -22.64 -54.70 1.08
N GLN B 154 -23.01 -53.64 0.32
CA GLN B 154 -24.35 -53.03 0.39
C GLN B 154 -24.70 -52.26 -0.87
N VAL B 155 -26.00 -52.26 -1.23
CA VAL B 155 -26.56 -51.50 -2.35
C VAL B 155 -27.60 -50.59 -1.70
N PHE B 156 -27.47 -49.26 -1.91
CA PHE B 156 -28.36 -48.25 -1.33
C PHE B 156 -29.36 -47.79 -2.38
N GLU B 157 -30.64 -48.10 -2.16
CA GLU B 157 -31.71 -47.75 -3.09
C GLU B 157 -32.68 -46.69 -2.54
N GLY B 158 -33.21 -45.87 -3.42
CA GLY B 158 -34.15 -44.84 -3.02
C GLY B 158 -34.18 -43.64 -3.94
N HIS B 159 -33.04 -43.29 -4.53
CA HIS B 159 -32.99 -42.17 -5.47
C HIS B 159 -33.73 -42.55 -6.76
N THR B 160 -34.36 -41.56 -7.42
CA THR B 160 -35.14 -41.79 -8.63
C THR B 160 -34.53 -41.10 -9.86
N HIS B 161 -33.28 -40.66 -9.74
CA HIS B 161 -32.49 -40.07 -10.81
C HIS B 161 -31.00 -40.20 -10.47
N TYR B 162 -30.11 -39.71 -11.36
CA TYR B 162 -28.65 -39.82 -11.22
C TYR B 162 -28.17 -39.43 -9.86
N VAL B 163 -27.28 -40.26 -9.26
CA VAL B 163 -26.68 -39.94 -7.96
C VAL B 163 -25.35 -39.26 -8.29
N MET B 164 -25.37 -37.94 -8.20
CA MET B 164 -24.29 -37.04 -8.61
C MET B 164 -23.04 -37.01 -7.72
N GLN B 165 -23.23 -37.13 -6.40
CA GLN B 165 -22.14 -37.00 -5.43
C GLN B 165 -22.54 -37.67 -4.12
N ILE B 166 -21.57 -38.27 -3.42
CA ILE B 166 -21.67 -38.91 -2.11
C ILE B 166 -20.54 -38.41 -1.22
N VAL B 167 -20.80 -38.34 0.08
CA VAL B 167 -19.81 -37.88 1.05
C VAL B 167 -20.06 -38.60 2.40
N ILE B 168 -18.98 -39.03 3.07
CA ILE B 168 -19.06 -39.69 4.37
C ILE B 168 -19.04 -38.65 5.50
N ASN B 169 -19.87 -38.82 6.56
CA ASN B 169 -19.90 -37.91 7.70
C ASN B 169 -18.56 -38.00 8.46
N PRO B 170 -17.76 -36.90 8.50
CA PRO B 170 -16.45 -36.98 9.19
C PRO B 170 -16.53 -37.18 10.70
N LYS B 171 -17.70 -36.92 11.32
CA LYS B 171 -17.95 -37.05 12.78
C LYS B 171 -18.62 -38.38 13.15
N ASP B 172 -19.22 -39.06 12.16
CA ASP B 172 -19.89 -40.37 12.27
C ASP B 172 -19.67 -41.09 10.94
N ASN B 173 -18.55 -41.81 10.84
CA ASN B 173 -18.14 -42.52 9.62
C ASN B 173 -19.13 -43.62 9.16
N ASN B 174 -20.13 -43.96 10.01
CA ASN B 174 -21.15 -44.95 9.64
C ASN B 174 -22.27 -44.31 8.84
N GLN B 175 -22.28 -42.97 8.80
CA GLN B 175 -23.26 -42.16 8.08
C GLN B 175 -22.66 -41.51 6.84
N PHE B 176 -23.49 -41.39 5.77
CA PHE B 176 -23.10 -40.71 4.52
C PHE B 176 -24.31 -40.00 3.88
N ALA B 177 -24.02 -38.99 3.03
CA ALA B 177 -25.05 -38.25 2.32
C ALA B 177 -24.85 -38.31 0.80
N SER B 178 -25.96 -38.27 0.06
CA SER B 178 -25.93 -38.30 -1.38
C SER B 178 -26.74 -37.16 -1.97
N ALA B 179 -26.36 -36.71 -3.17
CA ALA B 179 -27.03 -35.64 -3.91
C ALA B 179 -27.51 -36.26 -5.23
N SER B 180 -28.78 -36.02 -5.58
CA SER B 180 -29.34 -36.57 -6.81
C SER B 180 -30.04 -35.55 -7.69
N LEU B 181 -30.14 -35.85 -9.00
CA LEU B 181 -30.85 -35.03 -9.98
C LEU B 181 -32.38 -35.10 -9.80
N ASP B 182 -32.83 -35.98 -8.86
CA ASP B 182 -34.22 -36.14 -8.45
C ASP B 182 -34.63 -35.03 -7.48
N ARG B 183 -33.74 -34.01 -7.31
CA ARG B 183 -33.91 -32.81 -6.48
C ARG B 183 -33.73 -33.06 -4.97
N THR B 184 -33.39 -34.32 -4.57
CA THR B 184 -33.25 -34.62 -3.15
C THR B 184 -31.80 -34.93 -2.71
N ILE B 185 -31.61 -34.90 -1.39
CA ILE B 185 -30.42 -35.29 -0.65
C ILE B 185 -30.91 -36.39 0.25
N LYS B 186 -30.21 -37.53 0.28
CA LYS B 186 -30.59 -38.60 1.19
C LYS B 186 -29.45 -38.84 2.16
N VAL B 187 -29.78 -39.11 3.44
CA VAL B 187 -28.78 -39.41 4.47
C VAL B 187 -28.91 -40.89 4.83
N TRP B 188 -27.78 -41.59 4.84
CA TRP B 188 -27.78 -43.05 4.99
C TRP B 188 -26.89 -43.58 6.08
N GLN B 189 -27.14 -44.81 6.50
CA GLN B 189 -26.31 -45.51 7.47
C GLN B 189 -25.83 -46.81 6.81
N LEU B 190 -24.55 -47.18 7.10
CA LEU B 190 -24.03 -48.45 6.64
C LEU B 190 -24.78 -49.44 7.54
N GLY B 191 -25.33 -50.45 6.92
CA GLY B 191 -26.12 -51.46 7.57
C GLY B 191 -27.55 -51.51 7.07
N SER B 192 -28.01 -50.40 6.44
CA SER B 192 -29.36 -50.25 5.90
C SER B 192 -29.33 -49.81 4.44
N SER B 193 -30.04 -50.55 3.58
CA SER B 193 -30.15 -50.30 2.14
C SER B 193 -31.16 -49.17 1.83
N SER B 194 -31.90 -48.71 2.85
CA SER B 194 -32.92 -47.66 2.71
C SER B 194 -32.47 -46.35 3.37
N PRO B 195 -32.88 -45.16 2.87
CA PRO B 195 -32.37 -43.92 3.51
C PRO B 195 -32.89 -43.67 4.91
N ASN B 196 -32.05 -43.07 5.77
CA ASN B 196 -32.44 -42.72 7.15
C ASN B 196 -33.56 -41.68 7.07
N PHE B 197 -33.38 -40.69 6.17
CA PHE B 197 -34.32 -39.61 5.84
C PHE B 197 -33.90 -38.97 4.48
N THR B 198 -34.76 -38.10 3.94
CA THR B 198 -34.60 -37.40 2.66
C THR B 198 -34.84 -35.90 2.87
N LEU B 199 -33.92 -35.07 2.38
CA LEU B 199 -33.98 -33.62 2.49
C LEU B 199 -34.43 -33.05 1.15
N GLU B 200 -35.53 -32.30 1.18
CA GLU B 200 -36.14 -31.67 0.01
C GLU B 200 -36.11 -30.17 0.21
N GLY B 201 -36.00 -29.43 -0.88
CA GLY B 201 -35.96 -27.98 -0.88
C GLY B 201 -35.44 -27.42 -2.17
N HIS B 202 -34.59 -28.18 -2.86
CA HIS B 202 -34.04 -27.76 -4.14
C HIS B 202 -35.09 -27.85 -5.24
N GLU B 203 -35.16 -26.79 -6.06
CA GLU B 203 -36.08 -26.62 -7.21
C GLU B 203 -35.64 -27.42 -8.46
N LYS B 204 -34.36 -27.79 -8.55
CA LYS B 204 -33.80 -28.54 -9.68
C LYS B 204 -32.88 -29.65 -9.14
N GLY B 205 -32.17 -30.35 -10.01
CA GLY B 205 -31.27 -31.42 -9.62
C GLY B 205 -30.07 -31.01 -8.77
N VAL B 206 -29.76 -31.83 -7.73
CA VAL B 206 -28.65 -31.60 -6.81
C VAL B 206 -27.36 -32.25 -7.34
N ASN B 207 -26.29 -31.45 -7.44
CA ASN B 207 -24.99 -31.84 -8.00
C ASN B 207 -23.94 -32.19 -6.99
N CYS B 208 -23.96 -31.55 -5.85
CA CYS B 208 -22.90 -31.65 -4.85
C CYS B 208 -23.43 -31.65 -3.46
N ILE B 209 -22.65 -32.28 -2.58
CA ILE B 209 -22.96 -32.47 -1.18
C ILE B 209 -21.69 -32.56 -0.36
N ASP B 210 -21.67 -31.88 0.79
CA ASP B 210 -20.54 -31.87 1.71
C ASP B 210 -20.98 -31.66 3.17
N TYR B 211 -20.17 -32.13 4.12
CA TYR B 211 -20.40 -31.97 5.56
C TYR B 211 -19.46 -30.94 6.14
N TYR B 212 -19.95 -30.22 7.14
CA TYR B 212 -19.16 -29.31 7.97
C TYR B 212 -18.38 -30.25 8.93
N SER B 213 -17.07 -30.05 9.09
CA SER B 213 -16.18 -30.85 9.93
C SER B 213 -16.28 -30.63 11.45
N GLY B 214 -16.63 -29.41 11.87
CA GLY B 214 -16.72 -29.07 13.29
C GLY B 214 -17.89 -29.67 14.04
N GLY B 215 -17.72 -29.90 15.35
CA GLY B 215 -18.76 -30.51 16.20
C GLY B 215 -19.86 -29.57 16.64
N ASP B 216 -19.60 -28.27 16.54
CA ASP B 216 -20.49 -27.18 16.93
C ASP B 216 -21.75 -27.04 16.05
N LYS B 217 -21.75 -27.63 14.82
CA LYS B 217 -22.89 -27.53 13.92
C LYS B 217 -23.16 -28.81 13.13
N PRO B 218 -24.38 -29.41 13.21
CA PRO B 218 -24.66 -30.61 12.41
C PRO B 218 -25.13 -30.17 11.02
N TYR B 219 -24.19 -29.65 10.23
CA TYR B 219 -24.48 -29.04 8.94
C TYR B 219 -24.02 -29.80 7.72
N LEU B 220 -24.86 -29.73 6.68
CA LEU B 220 -24.59 -30.20 5.33
C LEU B 220 -24.69 -28.98 4.41
N ILE B 221 -23.97 -29.03 3.30
CA ILE B 221 -23.97 -28.01 2.24
C ILE B 221 -24.21 -28.71 0.87
N SER B 222 -25.12 -28.16 0.06
CA SER B 222 -25.42 -28.68 -1.25
C SER B 222 -25.51 -27.55 -2.26
N GLY B 223 -25.40 -27.88 -3.53
CA GLY B 223 -25.51 -26.96 -4.64
C GLY B 223 -26.29 -27.62 -5.75
N ALA B 224 -27.18 -26.87 -6.41
CA ALA B 224 -28.04 -27.46 -7.42
C ALA B 224 -28.10 -26.69 -8.74
N ASP B 225 -28.82 -27.28 -9.73
CA ASP B 225 -29.08 -26.68 -11.05
C ASP B 225 -30.07 -25.48 -10.95
N ASP B 226 -30.44 -25.06 -9.72
CA ASP B 226 -31.34 -23.95 -9.45
C ASP B 226 -30.51 -22.70 -9.10
N ARG B 227 -29.16 -22.82 -9.23
CA ARG B 227 -28.15 -21.77 -8.97
C ARG B 227 -28.03 -21.43 -7.47
N LEU B 228 -28.61 -22.31 -6.63
CA LEU B 228 -28.62 -22.12 -5.19
C LEU B 228 -27.69 -23.08 -4.47
N VAL B 229 -27.16 -22.57 -3.35
CA VAL B 229 -26.35 -23.27 -2.37
C VAL B 229 -27.24 -23.31 -1.14
N LYS B 230 -27.49 -24.51 -0.58
CA LYS B 230 -28.30 -24.63 0.63
C LYS B 230 -27.51 -25.22 1.77
N ILE B 231 -27.81 -24.79 3.00
CA ILE B 231 -27.16 -25.25 4.23
C ILE B 231 -28.23 -26.00 5.04
N TRP B 232 -27.97 -27.26 5.39
CA TRP B 232 -28.93 -28.10 6.10
C TRP B 232 -28.49 -28.52 7.48
N ASP B 233 -29.43 -28.64 8.40
CA ASP B 233 -29.21 -29.18 9.73
C ASP B 233 -29.74 -30.61 9.62
N TYR B 234 -28.83 -31.61 9.68
CA TYR B 234 -29.24 -33.01 9.53
C TYR B 234 -29.85 -33.62 10.81
N GLN B 235 -29.71 -32.93 11.96
CA GLN B 235 -30.31 -33.37 13.21
C GLN B 235 -31.79 -32.95 13.26
N ASN B 236 -32.08 -31.69 12.91
CA ASN B 236 -33.44 -31.14 12.85
C ASN B 236 -34.12 -31.44 11.51
N LYS B 237 -33.32 -31.88 10.50
CA LYS B 237 -33.76 -32.23 9.13
C LYS B 237 -34.37 -31.01 8.43
N THR B 238 -33.65 -29.86 8.51
CA THR B 238 -34.12 -28.56 7.98
C THR B 238 -33.10 -27.81 7.15
N CYS B 239 -33.60 -26.88 6.31
CA CYS B 239 -32.77 -25.97 5.53
C CYS B 239 -32.60 -24.74 6.43
N VAL B 240 -31.36 -24.42 6.80
CA VAL B 240 -31.09 -23.30 7.70
C VAL B 240 -30.68 -22.02 6.95
N GLN B 241 -30.18 -22.15 5.71
CA GLN B 241 -29.75 -21.02 4.90
C GLN B 241 -29.72 -21.36 3.40
N THR B 242 -30.01 -20.36 2.56
CA THR B 242 -29.96 -20.42 1.09
C THR B 242 -29.08 -19.25 0.59
N LEU B 243 -28.03 -19.57 -0.18
CA LEU B 243 -27.11 -18.58 -0.73
C LEU B 243 -27.26 -18.41 -2.22
N GLU B 244 -27.80 -17.26 -2.62
CA GLU B 244 -27.96 -16.89 -4.02
C GLU B 244 -26.72 -16.09 -4.43
N GLY B 245 -26.44 -16.02 -5.71
CA GLY B 245 -25.29 -15.29 -6.20
C GLY B 245 -24.77 -15.80 -7.52
N HIS B 246 -24.63 -17.15 -7.63
CA HIS B 246 -24.18 -17.79 -8.85
C HIS B 246 -25.17 -17.60 -9.99
N ALA B 247 -24.62 -17.34 -11.20
CA ALA B 247 -25.37 -17.07 -12.44
C ALA B 247 -25.77 -18.33 -13.19
N GLN B 248 -25.15 -19.47 -12.87
CA GLN B 248 -25.48 -20.76 -13.48
C GLN B 248 -25.46 -21.89 -12.42
N ASN B 249 -25.68 -23.15 -12.82
CA ASN B 249 -25.64 -24.35 -11.96
C ASN B 249 -24.47 -24.39 -11.01
N VAL B 250 -24.74 -24.69 -9.73
CA VAL B 250 -23.68 -24.88 -8.76
C VAL B 250 -23.24 -26.34 -8.93
N SER B 251 -21.99 -26.54 -9.32
CA SER B 251 -21.40 -27.85 -9.58
C SER B 251 -20.63 -28.36 -8.36
N CYS B 252 -20.15 -27.44 -7.51
CA CYS B 252 -19.40 -27.83 -6.33
C CYS B 252 -19.56 -26.87 -5.17
N ALA B 253 -19.53 -27.43 -3.95
CA ALA B 253 -19.70 -26.69 -2.72
C ALA B 253 -19.08 -27.47 -1.55
N SER B 254 -18.30 -26.77 -0.73
CA SER B 254 -17.66 -27.38 0.42
C SER B 254 -17.49 -26.41 1.55
N PHE B 255 -17.27 -26.96 2.73
CA PHE B 255 -16.87 -26.21 3.92
C PHE B 255 -15.38 -26.43 4.01
N HIS B 256 -14.59 -25.38 4.22
CA HIS B 256 -13.17 -25.66 4.37
C HIS B 256 -12.91 -26.30 5.75
N PRO B 257 -12.02 -27.30 5.87
CA PRO B 257 -11.82 -27.93 7.18
C PRO B 257 -11.12 -27.08 8.26
N GLU B 258 -10.23 -26.14 7.88
CA GLU B 258 -9.51 -25.32 8.86
C GLU B 258 -10.02 -23.88 8.92
N LEU B 259 -10.22 -23.27 7.74
CA LEU B 259 -10.69 -21.92 7.57
C LEU B 259 -12.21 -21.75 7.77
N PRO B 260 -12.69 -20.59 8.29
CA PRO B 260 -14.14 -20.45 8.53
C PRO B 260 -14.83 -19.98 7.25
N ILE B 261 -14.69 -20.78 6.18
CA ILE B 261 -15.25 -20.43 4.88
C ILE B 261 -16.04 -21.56 4.19
N ILE B 262 -16.81 -21.14 3.22
CA ILE B 262 -17.57 -21.97 2.32
C ILE B 262 -16.99 -21.62 0.94
N ILE B 263 -16.70 -22.66 0.13
CA ILE B 263 -16.21 -22.51 -1.23
C ILE B 263 -17.27 -23.13 -2.13
N THR B 264 -17.73 -22.37 -3.11
CA THR B 264 -18.71 -22.82 -4.08
C THR B 264 -18.22 -22.50 -5.47
N GLY B 265 -18.45 -23.42 -6.40
CA GLY B 265 -18.05 -23.26 -7.80
C GLY B 265 -19.26 -23.42 -8.69
N SER B 266 -19.28 -22.71 -9.83
CA SER B 266 -20.42 -22.81 -10.71
C SER B 266 -20.03 -22.99 -12.17
N GLU B 267 -21.00 -23.26 -13.02
CA GLU B 267 -20.82 -23.33 -14.46
C GLU B 267 -20.68 -21.90 -15.00
N ASP B 268 -20.91 -20.86 -14.12
CA ASP B 268 -20.72 -19.43 -14.48
C ASP B 268 -19.22 -19.08 -14.54
N GLY B 269 -18.39 -20.06 -14.17
CA GLY B 269 -16.94 -19.95 -14.23
C GLY B 269 -16.32 -19.30 -13.02
N THR B 270 -17.13 -18.99 -11.99
CA THR B 270 -16.63 -18.37 -10.77
C THR B 270 -16.60 -19.34 -9.58
N VAL B 271 -15.67 -19.07 -8.66
CA VAL B 271 -15.49 -19.74 -7.40
C VAL B 271 -15.76 -18.61 -6.39
N ARG B 272 -16.70 -18.84 -5.47
N ARG B 272 -16.72 -18.82 -5.49
CA ARG B 272 -17.02 -17.84 -4.45
CA ARG B 272 -17.04 -17.83 -4.46
C ARG B 272 -16.61 -18.33 -3.09
C ARG B 272 -16.59 -18.34 -3.10
N ILE B 273 -16.14 -17.42 -2.24
CA ILE B 273 -15.72 -17.70 -0.88
C ILE B 273 -16.63 -16.90 0.02
N TRP B 274 -17.33 -17.60 0.93
CA TRP B 274 -18.29 -17.01 1.85
C TRP B 274 -17.86 -17.31 3.26
N HIS B 275 -18.14 -16.39 4.23
CA HIS B 275 -17.84 -16.67 5.64
C HIS B 275 -18.81 -17.78 6.09
N SER B 276 -18.32 -18.82 6.81
CA SER B 276 -19.20 -19.93 7.19
C SER B 276 -20.18 -19.61 8.32
N SER B 277 -19.93 -18.57 9.16
CA SER B 277 -20.88 -18.22 10.21
C SER B 277 -21.85 -17.14 9.73
N THR B 278 -21.34 -16.06 9.15
CA THR B 278 -22.16 -14.93 8.69
C THR B 278 -22.71 -15.08 7.27
N TYR B 279 -22.14 -15.99 6.43
CA TYR B 279 -22.54 -16.20 5.02
C TYR B 279 -22.29 -14.97 4.13
N ARG B 280 -21.41 -14.07 4.59
CA ARG B 280 -21.02 -12.89 3.84
C ARG B 280 -20.07 -13.30 2.72
N LEU B 281 -20.27 -12.75 1.51
CA LEU B 281 -19.40 -12.99 0.36
C LEU B 281 -18.06 -12.29 0.57
N GLU B 282 -17.00 -13.09 0.77
CA GLU B 282 -15.65 -12.65 1.02
C GLU B 282 -14.86 -12.41 -0.27
N SER B 283 -14.95 -13.31 -1.28
CA SER B 283 -14.15 -13.23 -2.51
C SER B 283 -14.78 -13.94 -3.67
N THR B 284 -14.52 -13.47 -4.88
CA THR B 284 -14.98 -14.03 -6.15
C THR B 284 -13.76 -14.20 -7.01
N LEU B 285 -13.54 -15.44 -7.46
CA LEU B 285 -12.39 -15.81 -8.27
C LEU B 285 -12.84 -16.28 -9.60
N ASN B 286 -12.23 -15.70 -10.63
CA ASN B 286 -12.42 -16.06 -12.02
C ASN B 286 -11.02 -16.18 -12.62
N TYR B 287 -10.59 -17.42 -12.85
CA TYR B 287 -9.26 -17.70 -13.38
C TYR B 287 -9.18 -17.93 -14.89
N GLY B 288 -10.28 -17.63 -15.60
CA GLY B 288 -10.37 -17.78 -17.04
C GLY B 288 -10.21 -19.16 -17.62
N MET B 289 -10.57 -20.21 -16.85
CA MET B 289 -10.48 -21.61 -17.31
C MET B 289 -11.85 -22.22 -17.71
N GLU B 290 -12.88 -21.35 -17.83
CA GLU B 290 -14.29 -21.65 -18.21
C GLU B 290 -15.06 -22.27 -17.03
N ARG B 291 -15.96 -23.25 -17.26
CA ARG B 291 -16.79 -23.82 -16.19
C ARG B 291 -16.01 -24.49 -15.10
N VAL B 292 -16.47 -24.28 -13.86
CA VAL B 292 -15.90 -24.94 -12.68
C VAL B 292 -16.70 -26.24 -12.51
N TRP B 293 -16.01 -27.36 -12.20
CA TRP B 293 -16.62 -28.68 -12.01
C TRP B 293 -16.37 -29.30 -10.66
N CYS B 294 -15.23 -29.00 -10.04
CA CYS B 294 -14.87 -29.65 -8.79
C CYS B 294 -13.94 -28.84 -7.95
N VAL B 295 -13.92 -29.18 -6.65
CA VAL B 295 -13.11 -28.58 -5.62
C VAL B 295 -12.66 -29.68 -4.66
N ALA B 296 -11.45 -29.58 -4.11
CA ALA B 296 -10.97 -30.56 -3.11
C ALA B 296 -10.20 -29.75 -2.07
N SER B 297 -10.27 -30.14 -0.80
CA SER B 297 -9.59 -29.42 0.28
C SER B 297 -8.82 -30.45 1.07
N LEU B 298 -8.09 -30.05 2.10
CA LEU B 298 -7.29 -30.96 2.91
C LEU B 298 -7.09 -30.45 4.34
N ARG B 299 -7.47 -31.26 5.34
CA ARG B 299 -7.28 -30.96 6.77
C ARG B 299 -5.79 -30.70 7.08
N GLY B 300 -5.51 -29.61 7.80
CA GLY B 300 -4.15 -29.23 8.14
C GLY B 300 -3.37 -28.55 7.03
N SER B 301 -4.04 -28.26 5.88
CA SER B 301 -3.44 -27.58 4.73
C SER B 301 -4.31 -26.39 4.27
N ASN B 302 -3.66 -25.34 3.71
CA ASN B 302 -4.37 -24.16 3.22
C ASN B 302 -4.57 -24.23 1.68
N ASN B 303 -4.10 -25.33 1.06
CA ASN B 303 -4.22 -25.59 -0.38
C ASN B 303 -5.62 -26.04 -0.77
N VAL B 304 -6.11 -25.49 -1.89
CA VAL B 304 -7.43 -25.83 -2.43
C VAL B 304 -7.25 -26.14 -3.93
N ALA B 305 -7.72 -27.32 -4.39
CA ALA B 305 -7.64 -27.74 -5.79
C ALA B 305 -8.98 -27.43 -6.48
N LEU B 306 -8.90 -26.97 -7.71
CA LEU B 306 -10.07 -26.59 -8.50
C LEU B 306 -9.97 -27.14 -9.89
N GLY B 307 -11.05 -27.75 -10.36
CA GLY B 307 -11.14 -28.34 -11.69
C GLY B 307 -12.08 -27.60 -12.59
N TYR B 308 -11.64 -27.39 -13.82
CA TYR B 308 -12.32 -26.60 -14.84
C TYR B 308 -12.36 -27.30 -16.18
N ASP B 309 -13.04 -26.65 -17.16
CA ASP B 309 -13.06 -27.10 -18.54
C ASP B 309 -11.64 -27.08 -19.12
N GLU B 310 -10.84 -26.05 -18.77
CA GLU B 310 -9.51 -25.83 -19.35
C GLU B 310 -8.34 -26.29 -18.45
N GLY B 311 -8.62 -27.09 -17.43
CA GLY B 311 -7.60 -27.64 -16.56
C GLY B 311 -7.82 -27.47 -15.07
N SER B 312 -6.76 -27.67 -14.29
CA SER B 312 -6.84 -27.53 -12.84
C SER B 312 -5.87 -26.49 -12.28
N ILE B 313 -6.24 -25.95 -11.11
CA ILE B 313 -5.58 -24.87 -10.35
C ILE B 313 -5.44 -25.30 -8.89
N ILE B 314 -4.29 -25.01 -8.28
CA ILE B 314 -4.13 -25.11 -6.82
C ILE B 314 -3.91 -23.68 -6.34
N VAL B 315 -4.67 -23.29 -5.31
CA VAL B 315 -4.54 -21.98 -4.69
C VAL B 315 -4.21 -22.15 -3.21
N LYS B 316 -3.49 -21.16 -2.63
CA LYS B 316 -3.17 -21.15 -1.19
C LYS B 316 -4.04 -20.07 -0.59
N LEU B 317 -4.75 -20.40 0.49
CA LEU B 317 -5.58 -19.42 1.16
C LEU B 317 -4.82 -18.85 2.35
N GLY B 318 -4.04 -17.81 2.10
CA GLY B 318 -3.24 -17.17 3.13
C GLY B 318 -3.93 -16.01 3.83
N ARG B 319 -3.13 -15.09 4.36
CA ARG B 319 -3.67 -13.91 5.06
C ARG B 319 -3.08 -12.67 4.48
N GLU B 320 -3.90 -11.62 4.29
CA GLU B 320 -3.43 -10.31 3.81
C GLU B 320 -2.55 -9.64 4.93
N GLU B 321 -3.03 -9.75 6.18
CA GLU B 321 -2.46 -9.18 7.40
C GLU B 321 -2.04 -10.31 8.37
N PRO B 322 -0.77 -10.31 8.78
CA PRO B 322 -0.28 -11.36 9.69
C PRO B 322 -0.89 -11.37 11.10
N ALA B 323 -1.03 -12.55 11.70
CA ALA B 323 -1.49 -12.69 13.08
C ALA B 323 -0.17 -12.84 13.86
N MET B 324 0.25 -11.78 14.58
CA MET B 324 1.51 -11.73 15.33
C MET B 324 1.46 -10.71 16.44
N SER B 325 2.27 -10.95 17.49
CA SER B 325 2.38 -10.10 18.67
C SER B 325 3.75 -10.29 19.26
N MET B 326 4.43 -9.17 19.61
CA MET B 326 5.76 -9.14 20.25
C MET B 326 5.57 -8.69 21.69
N ASP B 327 6.29 -9.32 22.64
CA ASP B 327 6.27 -8.94 24.05
C ASP B 327 7.31 -7.81 24.30
N ALA B 328 7.42 -7.33 25.56
CA ALA B 328 8.34 -6.25 25.97
C ALA B 328 9.81 -6.51 25.62
N ASN B 329 10.28 -7.77 25.79
CA ASN B 329 11.65 -8.20 25.54
C ASN B 329 11.98 -8.52 24.06
N GLY B 330 11.00 -8.41 23.17
CA GLY B 330 11.24 -8.67 21.75
C GLY B 330 10.91 -10.07 21.26
N LYS B 331 10.39 -10.93 22.14
CA LYS B 331 9.97 -12.27 21.75
C LYS B 331 8.66 -12.14 20.94
N ILE B 332 8.60 -12.77 19.75
CA ILE B 332 7.45 -12.73 18.83
C ILE B 332 6.66 -14.04 18.78
N ILE B 333 5.34 -13.93 18.84
CA ILE B 333 4.42 -15.06 18.70
C ILE B 333 3.54 -14.78 17.49
N TRP B 334 3.63 -15.63 16.45
CA TRP B 334 2.81 -15.49 15.25
C TRP B 334 2.12 -16.81 14.89
N ALA B 335 1.42 -16.82 13.74
CA ALA B 335 0.77 -18.01 13.21
C ALA B 335 1.14 -18.18 11.75
N LYS B 336 1.58 -19.40 11.38
CA LYS B 336 1.83 -19.82 10.00
C LYS B 336 0.66 -20.79 9.78
N HIS B 337 -0.45 -20.24 9.21
CA HIS B 337 -1.74 -20.92 9.01
C HIS B 337 -2.38 -21.18 10.41
N SER B 338 -2.34 -22.44 10.91
CA SER B 338 -2.89 -22.81 12.23
C SER B 338 -1.80 -23.19 13.21
N GLU B 339 -0.53 -23.17 12.75
CA GLU B 339 0.63 -23.48 13.58
C GLU B 339 1.16 -22.20 14.27
N VAL B 340 1.06 -22.17 15.61
CA VAL B 340 1.54 -21.05 16.42
C VAL B 340 3.04 -21.23 16.61
N GLN B 341 3.83 -20.21 16.24
CA GLN B 341 5.28 -20.26 16.33
C GLN B 341 5.87 -19.14 17.17
N GLN B 342 7.11 -19.36 17.62
CA GLN B 342 7.89 -18.44 18.43
C GLN B 342 9.10 -18.03 17.59
N ALA B 343 9.36 -16.71 17.54
CA ALA B 343 10.50 -16.13 16.82
C ALA B 343 11.30 -15.20 17.74
N ASN B 344 12.61 -15.44 17.81
CA ASN B 344 13.56 -14.66 18.60
C ASN B 344 14.65 -14.16 17.68
N LEU B 345 15.10 -12.91 17.89
CA LEU B 345 16.19 -12.34 17.10
C LEU B 345 17.49 -13.01 17.47
N ASP B 355 18.66 0.45 9.49
CA ASP B 355 17.24 0.81 9.46
C ASP B 355 16.56 0.26 8.21
N GLY B 356 15.38 -0.33 8.38
CA GLY B 356 14.58 -0.87 7.29
C GLY B 356 14.98 -2.26 6.80
N GLU B 357 16.16 -2.75 7.19
CA GLU B 357 16.61 -4.07 6.75
C GLU B 357 15.97 -5.24 7.51
N ARG B 358 15.81 -6.40 6.80
CA ARG B 358 15.27 -7.66 7.34
C ARG B 358 16.27 -8.24 8.36
N LEU B 359 15.79 -8.56 9.57
CA LEU B 359 16.63 -9.08 10.66
C LEU B 359 16.59 -10.61 10.77
N PRO B 360 17.72 -11.27 11.09
CA PRO B 360 17.68 -12.74 11.25
C PRO B 360 16.94 -13.18 12.52
N LEU B 361 16.09 -14.23 12.40
CA LEU B 361 15.27 -14.78 13.49
C LEU B 361 15.40 -16.31 13.60
N ALA B 362 15.21 -16.87 14.83
CA ALA B 362 15.23 -18.29 15.12
C ALA B 362 13.78 -18.76 15.42
N VAL B 363 13.13 -19.36 14.41
CA VAL B 363 11.74 -19.80 14.51
C VAL B 363 11.59 -21.23 15.05
N LYS B 364 10.69 -21.41 16.04
CA LYS B 364 10.39 -22.70 16.68
C LYS B 364 8.88 -22.92 16.78
N ASP B 365 8.40 -24.11 16.39
CA ASP B 365 6.98 -24.46 16.45
C ASP B 365 6.49 -24.55 17.90
N SER B 368 -0.05 -26.59 17.08
CA SER B 368 -1.22 -26.22 16.29
C SER B 368 -2.38 -25.77 17.18
N CYS B 369 -2.96 -24.61 16.86
CA CYS B 369 -4.08 -23.99 17.56
C CYS B 369 -5.41 -24.69 17.20
N GLU B 370 -6.30 -24.87 18.18
CA GLU B 370 -7.59 -25.54 17.98
C GLU B 370 -8.54 -24.73 17.11
N ILE B 371 -8.37 -23.39 17.09
CA ILE B 371 -9.18 -22.48 16.25
C ILE B 371 -8.30 -21.83 15.17
N TYR B 372 -8.92 -21.25 14.12
CA TYR B 372 -8.09 -20.59 13.11
C TYR B 372 -7.71 -19.21 13.65
N PRO B 373 -6.40 -18.94 13.86
CA PRO B 373 -6.01 -17.64 14.45
C PRO B 373 -6.19 -16.46 13.50
N GLN B 374 -7.02 -15.49 13.89
CA GLN B 374 -7.27 -14.26 13.15
C GLN B 374 -6.45 -13.14 13.80
N THR B 375 -6.43 -13.09 15.16
CA THR B 375 -5.68 -12.13 15.96
C THR B 375 -4.96 -12.81 17.12
N ILE B 376 -3.73 -12.36 17.37
CA ILE B 376 -2.85 -12.81 18.43
C ILE B 376 -2.42 -11.55 19.20
N GLN B 377 -2.59 -11.57 20.53
CA GLN B 377 -2.21 -10.44 21.37
C GLN B 377 -1.76 -10.86 22.78
N HIS B 378 -0.52 -10.45 23.14
CA HIS B 378 0.03 -10.67 24.47
C HIS B 378 -0.67 -9.70 25.40
N ASN B 379 -0.84 -10.07 26.67
CA ASN B 379 -1.40 -9.12 27.65
C ASN B 379 -0.28 -8.05 27.99
N PRO B 380 -0.56 -6.93 28.73
CA PRO B 380 0.51 -5.91 28.94
C PRO B 380 1.87 -6.43 29.44
N ASN B 381 1.90 -7.41 30.39
CA ASN B 381 3.18 -7.95 30.90
C ASN B 381 3.83 -9.02 29.98
N GLY B 382 3.05 -9.52 29.01
CA GLY B 382 3.44 -10.55 28.05
C GLY B 382 3.56 -11.96 28.60
N ARG B 383 2.87 -12.25 29.72
CA ARG B 383 2.90 -13.59 30.37
C ARG B 383 1.81 -14.52 29.84
N PHE B 384 0.75 -13.93 29.26
CA PHE B 384 -0.41 -14.59 28.66
C PHE B 384 -0.71 -13.99 27.28
N VAL B 385 -1.00 -14.86 26.33
CA VAL B 385 -1.32 -14.51 24.94
C VAL B 385 -2.72 -15.02 24.59
N VAL B 386 -3.52 -14.16 23.96
CA VAL B 386 -4.87 -14.52 23.52
C VAL B 386 -4.86 -14.72 21.99
N VAL B 387 -5.58 -15.76 21.55
CA VAL B 387 -5.76 -16.08 20.13
C VAL B 387 -7.26 -15.96 19.86
N CYS B 388 -7.67 -15.12 18.90
CA CYS B 388 -9.06 -14.93 18.49
C CYS B 388 -9.28 -15.50 17.11
N GLY B 389 -10.37 -16.24 16.98
CA GLY B 389 -10.79 -16.91 15.75
C GLY B 389 -12.27 -17.24 15.69
N ASP B 390 -12.98 -16.63 14.72
CA ASP B 390 -14.40 -16.80 14.39
C ASP B 390 -15.35 -17.04 15.60
N GLY B 391 -15.66 -15.94 16.31
CA GLY B 391 -16.56 -15.92 17.45
C GLY B 391 -16.11 -16.62 18.72
N GLU B 392 -14.82 -16.97 18.83
CA GLU B 392 -14.25 -17.65 20.00
C GLU B 392 -12.91 -17.00 20.44
N TYR B 393 -12.43 -17.34 21.65
CA TYR B 393 -11.14 -16.82 22.20
C TYR B 393 -10.42 -17.84 23.07
N ILE B 394 -9.10 -18.01 22.90
CA ILE B 394 -8.29 -18.94 23.71
C ILE B 394 -7.07 -18.18 24.33
N ILE B 395 -6.89 -18.27 25.67
CA ILE B 395 -5.75 -17.63 26.35
C ILE B 395 -4.74 -18.69 26.77
N TYR B 396 -3.47 -18.50 26.43
CA TYR B 396 -2.43 -19.46 26.81
C TYR B 396 -1.34 -18.76 27.62
N THR B 397 -0.50 -19.53 28.35
CA THR B 397 0.68 -19.02 29.03
C THR B 397 1.69 -18.81 27.88
N ALA B 398 2.15 -17.57 27.64
CA ALA B 398 3.05 -17.23 26.53
C ALA B 398 4.36 -18.04 26.49
N MET B 399 4.85 -18.49 27.65
CA MET B 399 6.09 -19.25 27.77
C MET B 399 6.10 -20.53 26.92
N ALA B 400 5.24 -21.52 27.24
CA ALA B 400 5.15 -22.77 26.48
C ALA B 400 3.78 -23.03 25.80
N LEU B 401 2.99 -21.94 25.60
CA LEU B 401 1.64 -21.91 24.98
C LEU B 401 0.63 -22.89 25.63
N ARG B 402 0.74 -23.14 26.96
CA ARG B 402 -0.15 -24.03 27.71
C ARG B 402 -1.49 -23.31 27.93
N ASN B 403 -2.62 -24.00 27.67
CA ASN B 403 -3.98 -23.43 27.82
C ASN B 403 -4.21 -22.87 29.22
N LYS B 404 -4.89 -21.70 29.30
CA LYS B 404 -5.19 -21.03 30.57
C LYS B 404 -6.70 -20.84 30.77
N SER B 405 -7.39 -20.41 29.71
CA SER B 405 -8.84 -20.20 29.65
C SER B 405 -9.23 -20.15 28.17
N PHE B 406 -10.53 -20.35 27.89
CA PHE B 406 -11.11 -20.31 26.54
C PHE B 406 -12.57 -19.86 26.65
N GLY B 407 -13.20 -19.61 25.51
CA GLY B 407 -14.58 -19.17 25.46
C GLY B 407 -15.02 -18.63 24.12
N SER B 408 -16.20 -17.99 24.10
CA SER B 408 -16.83 -17.42 22.92
C SER B 408 -17.03 -15.92 23.09
N ALA B 409 -16.68 -15.16 22.04
CA ALA B 409 -16.81 -13.70 22.01
C ALA B 409 -16.74 -13.13 20.59
N GLN B 410 -17.45 -11.99 20.39
CA GLN B 410 -17.43 -11.22 19.15
C GLN B 410 -16.15 -10.38 19.11
N GLU B 411 -15.64 -10.00 20.30
CA GLU B 411 -14.43 -9.19 20.48
C GLU B 411 -13.88 -9.33 21.90
N PHE B 412 -12.54 -9.32 21.99
CA PHE B 412 -11.70 -9.42 23.19
C PHE B 412 -10.81 -8.15 23.33
N ALA B 413 -10.56 -7.72 24.58
CA ALA B 413 -9.69 -6.58 24.90
C ALA B 413 -9.10 -6.71 26.32
N TRP B 414 -7.76 -6.56 26.45
CA TRP B 414 -7.03 -6.65 27.73
C TRP B 414 -7.30 -5.47 28.66
N SER B 418 -2.53 -5.39 34.40
CA SER B 418 -2.32 -6.63 33.65
C SER B 418 -3.20 -7.76 34.14
N SER B 419 -3.36 -8.82 33.29
CA SER B 419 -4.18 -10.03 33.46
C SER B 419 -5.52 -9.73 34.18
N GLU B 420 -6.40 -9.13 33.38
CA GLU B 420 -7.79 -8.67 33.55
C GLU B 420 -8.22 -8.30 32.10
N TYR B 421 -9.40 -8.75 31.67
CA TYR B 421 -9.85 -8.56 30.30
C TYR B 421 -11.37 -8.42 30.15
N ALA B 422 -11.82 -8.08 28.94
CA ALA B 422 -13.22 -7.92 28.62
C ALA B 422 -13.61 -8.64 27.33
N ILE B 423 -14.80 -9.28 27.33
CA ILE B 423 -15.33 -9.95 26.14
C ILE B 423 -16.73 -9.39 25.82
N ARG B 424 -17.01 -9.24 24.51
CA ARG B 424 -18.31 -8.76 24.03
C ARG B 424 -19.09 -9.99 23.57
N GLU B 425 -20.10 -10.38 24.36
CA GLU B 425 -20.93 -11.57 24.13
C GLU B 425 -21.81 -11.45 22.88
N SER B 426 -22.54 -10.31 22.75
CA SER B 426 -23.43 -10.04 21.63
C SER B 426 -23.15 -8.69 20.95
N ASN B 427 -23.91 -7.64 21.33
CA ASN B 427 -23.84 -6.28 20.83
C ASN B 427 -24.54 -5.33 21.82
N SER B 428 -24.72 -5.80 23.07
CA SER B 428 -25.37 -5.07 24.18
C SER B 428 -24.74 -5.49 25.51
N ILE B 429 -24.47 -6.81 25.65
CA ILE B 429 -23.91 -7.47 26.82
C ILE B 429 -22.39 -7.71 26.70
N VAL B 430 -21.61 -6.98 27.52
CA VAL B 430 -20.15 -7.09 27.58
C VAL B 430 -19.69 -7.51 28.98
N LYS B 431 -19.05 -8.70 29.06
CA LYS B 431 -18.52 -9.28 30.30
C LYS B 431 -17.11 -8.74 30.58
N PHE B 433 -13.69 -9.64 33.42
CA PHE B 433 -12.98 -10.74 34.06
C PHE B 433 -11.79 -10.23 34.88
N LYS B 434 -11.72 -10.62 36.20
CA LYS B 434 -10.68 -10.22 37.17
C LYS B 434 -9.36 -11.01 37.01
N ASN B 435 -9.37 -12.35 37.24
CA ASN B 435 -8.22 -13.24 37.03
C ASN B 435 -8.72 -14.61 36.55
N PHE B 436 -8.90 -14.72 35.21
CA PHE B 436 -9.46 -15.87 34.48
C PHE B 436 -10.85 -16.30 35.04
N LYS B 437 -11.50 -15.39 35.80
CA LYS B 437 -12.82 -15.58 36.42
C LYS B 437 -13.68 -14.34 36.16
N GLU B 438 -14.93 -14.54 35.67
CA GLU B 438 -15.92 -13.49 35.33
C GLU B 438 -16.27 -12.60 36.53
N LYS B 439 -16.02 -11.27 36.39
CA LYS B 439 -16.27 -10.27 37.44
C LYS B 439 -17.60 -9.55 37.30
N LYS B 440 -18.12 -9.43 36.05
CA LYS B 440 -19.41 -8.77 35.74
C LYS B 440 -19.97 -9.19 34.37
N LYS B 443 -24.53 -5.75 29.63
CA LYS B 443 -24.51 -4.66 30.59
C LYS B 443 -24.42 -3.26 29.96
N PRO B 444 -23.49 -2.96 28.99
CA PRO B 444 -23.39 -1.59 28.44
C PRO B 444 -24.69 -0.92 27.94
N ASP B 445 -24.74 0.44 28.09
CA ASP B 445 -25.86 1.32 27.71
C ASP B 445 -25.69 1.91 26.31
N PHE B 446 -26.83 2.11 25.61
CA PHE B 446 -26.97 2.66 24.26
C PHE B 446 -26.09 1.96 23.21
N ALA B 448 -23.42 -1.15 21.86
CA ALA B 448 -22.20 -1.89 22.13
C ALA B 448 -21.74 -2.71 20.89
N GLU B 449 -21.23 -2.01 19.87
CA GLU B 449 -20.76 -2.55 18.60
C GLU B 449 -19.28 -3.00 18.62
N SER B 450 -18.43 -2.26 19.37
CA SER B 450 -17.00 -2.53 19.50
C SER B 450 -16.46 -2.36 20.93
N ILE B 451 -15.47 -3.20 21.32
CA ILE B 451 -14.81 -3.18 22.64
C ILE B 451 -13.32 -2.75 22.51
N TYR B 452 -12.85 -1.87 23.42
CA TYR B 452 -11.45 -1.41 23.43
C TYR B 452 -10.83 -1.53 24.81
N GLY B 453 -9.62 -2.10 24.87
CA GLY B 453 -8.90 -2.31 26.11
C GLY B 453 -7.98 -1.16 26.46
N GLY B 454 -7.12 -1.37 27.46
CA GLY B 454 -6.18 -0.38 27.94
C GLY B 454 -6.40 0.06 29.37
N PHE B 455 -6.27 1.37 29.60
CA PHE B 455 -6.42 2.03 30.90
C PHE B 455 -7.88 2.11 31.38
N LEU B 456 -8.81 2.32 30.44
CA LEU B 456 -10.27 2.34 30.64
C LEU B 456 -10.90 1.39 29.59
N LEU B 457 -12.09 0.86 29.88
CA LEU B 457 -12.82 -0.04 28.97
C LEU B 457 -13.64 0.84 28.02
N GLY B 458 -13.38 0.71 26.73
CA GLY B 458 -14.06 1.47 25.69
C GLY B 458 -15.15 0.68 24.98
N VAL B 459 -16.30 1.34 24.74
CA VAL B 459 -17.43 0.77 24.01
C VAL B 459 -17.85 1.73 22.88
N ARG B 460 -17.87 1.22 21.63
CA ARG B 460 -18.32 1.95 20.44
C ARG B 460 -19.82 1.59 20.21
N SER B 461 -20.74 2.60 20.30
CA SER B 461 -22.20 2.41 20.18
C SER B 461 -22.76 3.07 18.92
N LEU B 465 -18.69 6.81 21.22
CA LEU B 465 -17.77 6.10 22.10
C LEU B 465 -18.06 6.39 23.56
N ALA B 466 -17.92 5.38 24.42
CA ALA B 466 -18.09 5.54 25.86
C ALA B 466 -17.03 4.77 26.63
N PHE B 467 -16.43 5.44 27.65
CA PHE B 467 -15.40 4.89 28.52
C PHE B 467 -15.95 4.61 29.92
N TYR B 468 -15.56 3.47 30.51
CA TYR B 468 -15.99 3.04 31.84
C TYR B 468 -14.88 2.30 32.58
N ASP B 469 -14.78 2.53 33.91
CA ASP B 469 -13.78 1.94 34.80
C ASP B 469 -13.86 0.41 34.90
N TRP B 470 -12.69 -0.25 34.83
CA TRP B 470 -12.53 -1.70 34.96
C TRP B 470 -12.91 -2.22 36.36
N ASP B 471 -12.90 -1.35 37.40
CA ASP B 471 -13.21 -1.70 38.78
C ASP B 471 -14.71 -1.82 39.13
N ASN B 472 -15.59 -1.01 38.48
CA ASN B 472 -17.03 -1.01 38.79
C ASN B 472 -17.99 -0.93 37.58
N THR B 473 -17.44 -0.77 36.35
CA THR B 473 -18.19 -0.63 35.09
C THR B 473 -19.01 0.68 35.05
N GLU B 474 -18.63 1.67 35.88
CA GLU B 474 -19.30 2.97 35.95
C GLU B 474 -18.82 3.87 34.82
N LEU B 475 -19.75 4.57 34.14
CA LEU B 475 -19.45 5.48 33.04
C LEU B 475 -18.57 6.64 33.47
N ILE B 476 -17.57 6.95 32.65
CA ILE B 476 -16.63 8.04 32.90
C ILE B 476 -16.90 9.17 31.91
N ARG B 477 -16.98 8.84 30.59
CA ARG B 477 -17.23 9.80 29.52
C ARG B 477 -17.84 9.18 28.27
N ARG B 478 -18.70 9.94 27.59
CA ARG B 478 -19.31 9.59 26.31
C ARG B 478 -18.87 10.66 25.31
N ILE B 479 -18.19 10.25 24.23
CA ILE B 479 -17.65 11.13 23.18
C ILE B 479 -18.28 10.77 21.84
N GLU B 480 -18.77 11.77 21.09
CA GLU B 480 -19.39 11.57 19.78
C GLU B 480 -18.30 11.31 18.72
N ILE B 481 -17.86 10.04 18.61
CA ILE B 481 -16.79 9.60 17.70
C ILE B 481 -16.92 8.11 17.35
N GLN B 482 -16.58 7.74 16.10
CA GLN B 482 -16.62 6.35 15.65
C GLN B 482 -15.16 5.82 15.49
N PRO B 483 -14.59 5.19 16.52
CA PRO B 483 -13.19 4.74 16.43
C PRO B 483 -12.96 3.41 15.74
N LYS B 484 -11.80 3.27 15.12
CA LYS B 484 -11.30 2.05 14.50
C LYS B 484 -10.28 1.49 15.49
N HIS B 485 -9.53 2.41 16.14
CA HIS B 485 -8.49 2.06 17.10
C HIS B 485 -8.43 3.05 18.25
N ILE B 486 -8.02 2.54 19.44
CA ILE B 486 -7.78 3.30 20.67
C ILE B 486 -6.45 2.82 21.23
N PHE B 487 -5.56 3.76 21.57
CA PHE B 487 -4.23 3.44 22.12
C PHE B 487 -3.98 4.33 23.30
N TRP B 488 -3.71 3.73 24.46
CA TRP B 488 -3.41 4.45 25.69
C TRP B 488 -1.90 4.50 25.93
N SER B 489 -1.42 5.64 26.44
CA SER B 489 -0.01 5.73 26.81
C SER B 489 0.18 4.85 28.07
N ASP B 490 1.41 4.37 28.33
CA ASP B 490 1.74 3.50 29.47
C ASP B 490 1.25 4.01 30.83
N SER B 491 1.27 5.35 31.04
CA SER B 491 0.82 6.02 32.28
C SER B 491 -0.70 6.20 32.42
N GLY B 492 -1.42 6.12 31.28
CA GLY B 492 -2.85 6.35 31.19
C GLY B 492 -3.21 7.83 31.11
N GLU B 493 -2.20 8.71 31.06
CA GLU B 493 -2.38 10.16 31.00
C GLU B 493 -2.72 10.64 29.58
N LEU B 494 -2.53 9.75 28.56
CA LEU B 494 -2.79 10.07 27.16
C LEU B 494 -3.49 8.95 26.40
N VAL B 495 -4.37 9.31 25.48
CA VAL B 495 -5.10 8.37 24.64
C VAL B 495 -5.20 8.89 23.21
N CYS B 496 -5.11 7.97 22.25
CA CYS B 496 -5.28 8.29 20.84
C CYS B 496 -6.55 7.60 20.36
N ILE B 497 -7.49 8.38 19.79
CA ILE B 497 -8.72 7.83 19.23
C ILE B 497 -8.62 8.00 17.73
N ALA B 498 -8.39 6.90 17.02
CA ALA B 498 -8.21 6.91 15.58
C ALA B 498 -9.49 6.48 14.86
N THR B 499 -10.04 7.33 13.97
CA THR B 499 -11.22 7.04 13.14
C THR B 499 -10.73 6.55 11.76
N GLU B 500 -11.66 6.35 10.78
CA GLU B 500 -11.34 5.95 9.41
C GLU B 500 -10.87 7.18 8.59
N GLU B 501 -10.97 8.41 9.18
CA GLU B 501 -10.60 9.69 8.54
C GLU B 501 -9.50 10.47 9.26
N SER B 502 -9.56 10.55 10.60
CA SER B 502 -8.59 11.32 11.37
C SER B 502 -8.28 10.70 12.74
N PHE B 503 -7.27 11.22 13.44
CA PHE B 503 -6.98 10.74 14.79
C PHE B 503 -6.91 11.90 15.76
N PHE B 504 -7.33 11.64 17.02
CA PHE B 504 -7.33 12.65 18.09
C PHE B 504 -6.46 12.19 19.25
N ILE B 505 -5.65 13.11 19.79
CA ILE B 505 -4.82 12.89 20.97
C ILE B 505 -5.51 13.62 22.12
N LEU B 506 -5.82 12.89 23.19
CA LEU B 506 -6.48 13.47 24.35
C LEU B 506 -5.73 13.17 25.64
N LYS B 507 -5.72 14.15 26.55
CA LYS B 507 -5.17 13.99 27.89
C LYS B 507 -6.31 13.50 28.80
N TYR B 508 -6.12 12.37 29.48
CA TYR B 508 -7.12 11.88 30.43
C TYR B 508 -6.73 12.39 31.82
N LEU B 509 -7.65 13.14 32.47
CA LEU B 509 -7.43 13.74 33.78
C LEU B 509 -8.14 12.92 34.89
N SER B 510 -7.45 11.89 35.40
CA SER B 510 -7.93 10.96 36.43
C SER B 510 -8.32 11.62 37.78
N GLU B 511 -7.72 12.78 38.14
CA GLU B 511 -8.01 13.51 39.37
C GLU B 511 -9.46 14.02 39.42
N VAL B 513 -11.91 12.70 37.80
CA VAL B 513 -12.74 11.50 37.87
C VAL B 513 -12.82 10.95 39.31
N LEU B 514 -11.66 10.88 40.00
CA LEU B 514 -11.52 10.42 41.39
C LEU B 514 -12.36 11.26 42.34
N ALA B 515 -12.38 12.61 42.11
CA ALA B 515 -13.15 13.57 42.89
C ALA B 515 -14.67 13.33 42.75
N ALA B 516 -15.17 13.23 41.50
CA ALA B 516 -16.58 13.00 41.18
C ALA B 516 -17.00 11.57 41.56
N PHE B 532 -11.53 14.59 30.15
CA PHE B 532 -10.66 14.58 28.98
C PHE B 532 -10.49 16.00 28.41
N GLU B 533 -9.31 16.31 27.81
CA GLU B 533 -9.07 17.62 27.17
C GLU B 533 -8.32 17.44 25.84
N VAL B 534 -9.06 17.59 24.71
CA VAL B 534 -8.53 17.42 23.33
C VAL B 534 -7.27 18.26 23.15
N LEU B 535 -6.12 17.58 22.93
CA LEU B 535 -4.81 18.22 22.75
C LEU B 535 -4.48 18.45 21.27
N GLY B 536 -5.17 17.72 20.38
CA GLY B 536 -4.98 17.82 18.94
C GLY B 536 -5.71 16.77 18.13
N GLU B 537 -5.99 17.12 16.85
CA GLU B 537 -6.58 16.29 15.80
C GLU B 537 -5.66 16.32 14.57
N ILE B 538 -5.38 15.12 14.00
CA ILE B 538 -4.49 14.93 12.84
C ILE B 538 -5.24 14.26 11.70
N GLN B 539 -5.25 14.91 10.52
CA GLN B 539 -5.91 14.42 9.31
C GLN B 539 -5.11 13.30 8.65
N GLU B 540 -4.99 12.16 9.36
CA GLU B 540 -4.27 10.96 8.92
C GLU B 540 -5.02 9.72 9.36
N ILE B 541 -4.81 8.60 8.63
CA ILE B 541 -5.46 7.33 8.94
C ILE B 541 -4.43 6.35 9.58
N VAL B 542 -4.60 6.10 10.88
CA VAL B 542 -3.76 5.18 11.68
C VAL B 542 -4.11 3.71 11.38
N LYS B 543 -3.08 2.93 11.03
CA LYS B 543 -3.24 1.49 10.75
C LYS B 543 -2.84 0.64 11.97
N THR B 544 -1.62 0.89 12.48
CA THR B 544 -1.04 0.25 13.67
C THR B 544 -0.45 1.38 14.49
N GLY B 545 -0.26 1.17 15.77
CA GLY B 545 0.26 2.23 16.61
C GLY B 545 0.69 1.76 17.98
N LEU B 546 1.51 2.59 18.66
CA LEU B 546 2.01 2.37 20.03
C LEU B 546 2.57 3.65 20.62
N TRP B 547 2.52 3.75 21.93
CA TRP B 547 3.07 4.89 22.61
C TRP B 547 4.40 4.56 23.22
N VAL B 548 5.34 5.50 23.11
CA VAL B 548 6.65 5.48 23.75
C VAL B 548 6.70 6.81 24.51
N GLY B 549 6.41 6.75 25.79
CA GLY B 549 6.31 7.93 26.65
C GLY B 549 5.12 8.76 26.23
N ASP B 550 5.39 10.03 25.86
CA ASP B 550 4.38 10.98 25.41
C ASP B 550 4.29 11.10 23.87
N CYS B 551 5.00 10.20 23.14
CA CYS B 551 5.04 10.12 21.69
C CYS B 551 4.22 8.94 21.18
N PHE B 552 3.23 9.24 20.31
CA PHE B 552 2.40 8.24 19.69
C PHE B 552 2.95 7.91 18.31
N ILE B 553 3.50 6.69 18.14
CA ILE B 553 4.09 6.20 16.89
C ILE B 553 3.05 5.37 16.14
N TYR B 554 2.96 5.59 14.83
CA TYR B 554 1.97 4.89 14.01
C TYR B 554 2.41 4.68 12.59
N THR B 555 1.77 3.74 11.89
CA THR B 555 1.93 3.57 10.46
C THR B 555 0.64 4.15 9.92
N SER B 556 0.74 4.96 8.85
CA SER B 556 -0.44 5.57 8.23
C SER B 556 -0.93 4.73 7.02
N SER B 557 -2.05 5.13 6.41
CA SER B 557 -2.61 4.48 5.21
C SER B 557 -1.68 4.69 3.98
N VAL B 558 -0.95 5.82 3.97
CA VAL B 558 -0.03 6.21 2.90
C VAL B 558 1.40 5.68 3.13
N ASN B 559 1.51 4.59 3.92
CA ASN B 559 2.74 3.87 4.27
C ASN B 559 3.80 4.69 5.00
N ARG B 560 3.36 5.68 5.79
CA ARG B 560 4.34 6.45 6.55
C ARG B 560 4.52 5.97 7.99
N LEU B 561 5.76 5.98 8.47
CA LEU B 561 6.05 5.62 9.84
C LEU B 561 6.32 6.95 10.51
N ASN B 562 5.30 7.45 11.23
CA ASN B 562 5.34 8.75 11.86
C ASN B 562 5.18 8.68 13.35
N TYR B 563 5.30 9.84 13.97
CA TYR B 563 5.02 9.99 15.38
C TYR B 563 4.53 11.38 15.69
N TYR B 564 3.57 11.43 16.61
CA TYR B 564 3.00 12.66 17.10
C TYR B 564 3.77 13.02 18.38
N VAL B 565 4.16 14.30 18.53
CA VAL B 565 4.79 14.81 19.74
C VAL B 565 4.44 16.31 19.91
N GLY B 566 3.66 16.59 20.96
CA GLY B 566 3.19 17.94 21.32
C GLY B 566 2.55 18.72 20.18
N GLY B 567 1.70 18.04 19.40
CA GLY B 567 1.01 18.65 18.27
C GLY B 567 1.69 18.50 16.93
N GLU B 568 3.00 18.19 16.92
CA GLU B 568 3.77 18.02 15.69
C GLU B 568 3.85 16.57 15.19
N ILE B 569 3.90 16.41 13.87
CA ILE B 569 4.02 15.10 13.21
C ILE B 569 5.42 15.00 12.61
N VAL B 570 6.22 14.07 13.14
CA VAL B 570 7.58 13.83 12.68
C VAL B 570 7.56 12.55 11.82
N THR B 571 8.27 12.56 10.68
CA THR B 571 8.31 11.36 9.84
C THR B 571 9.63 10.60 10.10
N ILE B 572 9.52 9.29 10.41
CA ILE B 572 10.71 8.44 10.62
C ILE B 572 11.13 7.86 9.26
N ALA B 573 10.17 7.39 8.46
CA ALA B 573 10.42 6.84 7.15
C ALA B 573 9.15 6.67 6.39
N HIS B 574 9.27 6.61 5.05
CA HIS B 574 8.19 6.24 4.15
C HIS B 574 8.59 4.80 3.84
N LEU B 575 7.73 3.85 4.18
CA LEU B 575 8.02 2.43 4.06
C LEU B 575 7.85 1.85 2.64
N ASP B 576 8.77 0.90 2.32
CA ASP B 576 8.85 0.12 1.08
C ASP B 576 7.61 -0.74 0.84
N ARG B 577 6.96 -1.25 1.92
CA ARG B 577 5.76 -2.09 1.86
C ARG B 577 4.82 -1.83 3.01
N THR B 578 3.65 -2.54 3.04
CA THR B 578 2.70 -2.49 4.15
C THR B 578 3.44 -3.10 5.36
N MET B 579 3.47 -2.37 6.48
CA MET B 579 4.17 -2.79 7.67
C MET B 579 3.30 -2.63 8.89
N TYR B 580 3.55 -3.47 9.89
CA TYR B 580 2.76 -3.51 11.11
C TYR B 580 3.65 -3.33 12.33
N LEU B 581 3.41 -2.28 13.11
CA LEU B 581 4.20 -2.00 14.33
C LEU B 581 4.04 -3.15 15.32
N LEU B 582 5.17 -3.70 15.78
CA LEU B 582 5.22 -4.81 16.71
C LEU B 582 5.52 -4.36 18.12
N GLY B 583 6.53 -3.52 18.28
CA GLY B 583 6.95 -3.02 19.58
C GLY B 583 8.17 -2.13 19.51
N TYR B 584 8.56 -1.59 20.66
CA TYR B 584 9.73 -0.72 20.82
C TYR B 584 10.49 -1.28 22.02
N ILE B 585 11.79 -1.58 21.85
CA ILE B 585 12.63 -2.08 22.93
C ILE B 585 13.55 -0.93 23.33
N PRO B 586 13.28 -0.29 24.50
CA PRO B 586 14.10 0.86 24.93
C PRO B 586 15.61 0.62 25.01
N LYS B 587 16.04 -0.59 25.50
CA LYS B 587 17.47 -0.93 25.63
C LYS B 587 18.19 -0.89 24.26
N ASP B 588 17.46 -1.28 23.18
CA ASP B 588 18.00 -1.26 21.82
C ASP B 588 17.75 0.09 21.12
N ASN B 589 16.93 1.01 21.73
CA ASN B 589 16.53 2.31 21.15
C ASN B 589 16.10 1.99 19.69
N ARG B 590 15.20 0.99 19.58
CA ARG B 590 14.75 0.40 18.32
C ARG B 590 13.28 0.00 18.30
N LEU B 591 12.64 0.43 17.23
CA LEU B 591 11.26 0.18 16.89
C LEU B 591 11.21 -1.02 15.93
N TYR B 592 10.24 -1.94 16.12
CA TYR B 592 10.09 -3.16 15.29
C TYR B 592 8.77 -3.24 14.54
N LEU B 593 8.83 -3.66 13.27
CA LEU B 593 7.68 -3.84 12.40
C LEU B 593 7.81 -5.16 11.69
N GLY B 594 6.67 -5.70 11.27
CA GLY B 594 6.59 -6.92 10.50
C GLY B 594 5.76 -6.72 9.25
N ASP B 595 5.95 -7.59 8.24
CA ASP B 595 5.18 -7.56 7.00
C ASP B 595 4.37 -8.85 6.88
N LYS B 596 3.54 -8.96 5.81
CA LYS B 596 2.68 -10.11 5.49
C LYS B 596 3.48 -11.43 5.41
N GLU B 597 4.78 -11.36 5.04
CA GLU B 597 5.70 -12.51 4.92
C GLU B 597 6.39 -12.85 6.26
N LEU B 598 5.96 -12.22 7.37
CA LEU B 598 6.48 -12.37 8.74
C LEU B 598 7.97 -12.00 8.87
N ASN B 599 8.51 -11.18 7.92
CA ASN B 599 9.88 -10.66 8.03
C ASN B 599 9.85 -9.53 9.06
N ILE B 600 10.91 -9.39 9.86
CA ILE B 600 10.99 -8.36 10.89
C ILE B 600 11.99 -7.28 10.52
N ILE B 601 11.55 -6.00 10.47
CA ILE B 601 12.45 -4.86 10.22
C ILE B 601 12.53 -3.94 11.46
N SER B 602 13.50 -2.99 11.48
CA SER B 602 13.66 -2.08 12.61
C SER B 602 14.10 -0.66 12.19
N TYR B 603 13.92 0.30 13.11
CA TYR B 603 14.31 1.71 12.94
C TYR B 603 14.76 2.23 14.28
N SER B 604 15.90 2.93 14.32
CA SER B 604 16.39 3.51 15.56
C SER B 604 15.54 4.71 15.94
N LEU B 605 15.34 4.90 17.24
CA LEU B 605 14.55 5.99 17.81
C LEU B 605 15.22 6.32 19.15
N LEU B 606 15.78 7.53 19.26
CA LEU B 606 16.47 8.00 20.46
C LEU B 606 15.50 8.68 21.44
#